data_4WNQ
#
_entry.id   4WNQ
#
_cell.length_a   39.257
_cell.length_b   47.235
_cell.length_c   109.290
_cell.angle_alpha   88.32
_cell.angle_beta   79.78
_cell.angle_gamma   89.93
#
_symmetry.space_group_name_H-M   'P 1'
#
loop_
_entity.id
_entity.type
_entity.pdbx_description
1 polymer 'TCR Variable Delta 1 chain and TCR constant Alpha chain'
2 polymer 'TCR Variable Beta 2 (TRBV20) chain and TCR constant Beta chain'
3 water water
#
loop_
_entity_poly.entity_id
_entity_poly.type
_entity_poly.pdbx_seq_one_letter_code
_entity_poly.pdbx_strand_id
1 'polypeptide(L)'
;HMAQKVTQAQSSVSMPVRKAVTLNCLYETSWWSYYIFWYKQLPSKEMIFLIRQGSDEQNAKSGRYSVNFKKAAKSVALTI
SALQLEDSAKYFCALGVTGKLTFGQGTILTVHPNIQNPDPAVYQLRDSKSSDKSVCLFTDFDSQTNVSQSKDSDVYITDK
CVLDMRSMDFKSNSAVAWSNKSDFACANAFNNSIIPEDTFFPSPESS
;
A,C
2 'polypeptide(L)'
;HMGAVVSQHPSRVISKSGTSVKIECRSLDFQATTMFWYRQFPKQSLMLMATSNEGSKATYEQGVEKDKFLINHASLTLST
LTVTSAHPEDSSFYICSAPGGVGAFFGQGTRLTVVEDLKNVFPPEVAVFEPSEAEISHTQKATLVCLATGFYPDHVELSW
WVNGKEVHSGVCTDPQPLKEQPALNDSRYALSSRLRVSATFWQNPRNHFRCQVQFYGLSENDEWTQDRAKPVTQIVSAEA
WGRAD
;
B,D
#
# COMPACT_ATOMS: atom_id res chain seq x y z
N GLN A 4 -41.88 20.50 -11.97
CA GLN A 4 -40.68 20.08 -11.26
C GLN A 4 -39.42 20.43 -12.04
N LYS A 5 -38.35 20.81 -11.32
CA LYS A 5 -37.07 21.14 -11.92
C LYS A 5 -35.91 20.69 -11.05
N VAL A 6 -34.87 20.10 -11.66
CA VAL A 6 -33.67 19.71 -10.93
C VAL A 6 -32.50 20.32 -11.70
N THR A 7 -31.68 21.09 -10.98
CA THR A 7 -30.55 21.81 -11.53
C THR A 7 -29.23 21.38 -10.93
N GLN A 8 -28.35 20.82 -11.78
CA GLN A 8 -26.98 20.44 -11.47
C GLN A 8 -26.14 21.35 -12.35
N ALA A 9 -25.74 22.51 -11.81
CA ALA A 9 -25.07 23.58 -12.55
C ALA A 9 -23.65 23.19 -12.99
N GLN A 10 -22.95 22.36 -12.21
CA GLN A 10 -21.59 21.89 -12.55
C GLN A 10 -21.64 20.76 -13.56
N SER A 11 -20.99 20.91 -14.71
CA SER A 11 -21.01 19.83 -15.68
C SER A 11 -19.94 18.76 -15.37
N SER A 12 -18.77 19.22 -14.85
CA SER A 12 -17.65 18.36 -14.49
CA SER A 12 -17.65 18.36 -14.50
C SER A 12 -16.89 18.90 -13.30
N VAL A 13 -16.33 17.97 -12.47
CA VAL A 13 -15.58 18.29 -11.25
C VAL A 13 -14.40 17.32 -11.19
N SER A 14 -13.21 17.81 -10.77
CA SER A 14 -12.00 16.96 -10.61
C SER A 14 -11.56 17.02 -9.17
N MET A 15 -11.20 15.86 -8.60
CA MET A 15 -10.75 15.79 -7.20
C MET A 15 -9.82 14.59 -7.03
N PRO A 16 -8.72 14.76 -6.27
CA PRO A 16 -7.81 13.65 -6.07
C PRO A 16 -8.35 12.61 -5.10
N VAL A 17 -7.80 11.38 -5.18
CA VAL A 17 -8.08 10.28 -4.27
C VAL A 17 -7.86 10.69 -2.85
N ARG A 18 -8.61 10.03 -1.95
CA ARG A 18 -8.54 10.15 -0.50
C ARG A 18 -9.18 11.45 0.03
N LYS A 19 -9.49 12.40 -0.85
CA LYS A 19 -10.14 13.66 -0.46
C LYS A 19 -11.64 13.48 -0.51
N ALA A 20 -12.40 14.52 -0.12
CA ALA A 20 -13.85 14.52 -0.24
C ALA A 20 -14.27 15.43 -1.38
N VAL A 21 -15.47 15.24 -1.92
CA VAL A 21 -16.00 16.11 -2.98
C VAL A 21 -17.48 16.35 -2.71
N THR A 22 -17.97 17.58 -2.97
CA THR A 22 -19.38 17.92 -2.80
C THR A 22 -19.93 18.23 -4.19
N LEU A 23 -21.07 17.60 -4.54
CA LEU A 23 -21.75 17.79 -5.84
C LEU A 23 -23.06 18.46 -5.57
N ASN A 24 -23.23 19.68 -6.09
CA ASN A 24 -24.40 20.49 -5.82
C ASN A 24 -25.62 20.11 -6.62
N CYS A 25 -26.77 20.35 -6.00
CA CYS A 25 -28.05 20.11 -6.63
C CYS A 25 -29.07 21.03 -6.05
N LEU A 26 -29.80 21.70 -6.95
CA LEU A 26 -30.88 22.62 -6.58
C LEU A 26 -32.13 22.14 -7.22
N TYR A 27 -33.26 22.20 -6.51
CA TYR A 27 -34.47 21.74 -7.13
C TYR A 27 -35.60 22.73 -6.94
N GLU A 28 -36.67 22.56 -7.72
CA GLU A 28 -37.89 23.35 -7.59
C GLU A 28 -39.05 22.39 -7.61
N THR A 29 -39.93 22.48 -6.60
CA THR A 29 -41.11 21.60 -6.53
C THR A 29 -42.24 22.28 -5.79
N SER A 30 -43.48 22.02 -6.25
CA SER A 30 -44.69 22.54 -5.61
C SER A 30 -45.23 21.53 -4.57
N TRP A 31 -44.65 20.33 -4.50
CA TRP A 31 -45.09 19.26 -3.59
C TRP A 31 -44.58 19.44 -2.17
N TRP A 32 -45.42 19.03 -1.19
CA TRP A 32 -45.11 19.13 0.23
C TRP A 32 -44.28 17.93 0.72
N SER A 33 -44.49 16.75 0.13
CA SER A 33 -43.82 15.49 0.49
C SER A 33 -43.10 14.92 -0.74
N TYR A 34 -41.81 14.65 -0.61
CA TYR A 34 -41.04 14.14 -1.75
C TYR A 34 -39.73 13.53 -1.29
N TYR A 35 -38.98 13.01 -2.26
CA TYR A 35 -37.67 12.47 -2.03
C TYR A 35 -36.70 13.02 -3.00
N ILE A 36 -35.45 13.09 -2.56
CA ILE A 36 -34.33 13.43 -3.41
C ILE A 36 -33.49 12.17 -3.45
N PHE A 37 -33.12 11.76 -4.65
CA PHE A 37 -32.23 10.62 -4.87
C PHE A 37 -30.97 11.04 -5.55
N TRP A 38 -29.88 10.37 -5.21
CA TRP A 38 -28.60 10.50 -5.90
C TRP A 38 -28.28 9.15 -6.52
N TYR A 39 -28.00 9.17 -7.82
CA TYR A 39 -27.58 8.00 -8.58
C TYR A 39 -26.26 8.27 -9.26
N LYS A 40 -25.51 7.22 -9.53
CA LYS A 40 -24.36 7.38 -10.39
C LYS A 40 -24.60 6.51 -11.62
N GLN A 41 -24.25 7.05 -12.77
CA GLN A 41 -24.36 6.35 -14.02
C GLN A 41 -22.97 5.86 -14.43
N LEU A 42 -22.85 4.55 -14.59
CA LEU A 42 -21.60 3.88 -14.93
C LEU A 42 -21.37 3.91 -16.46
N PRO A 43 -20.15 3.55 -16.97
CA PRO A 43 -19.92 3.59 -18.44
C PRO A 43 -20.88 2.72 -19.25
N SER A 44 -21.41 1.65 -18.66
CA SER A 44 -22.40 0.75 -19.25
C SER A 44 -23.75 1.47 -19.42
N LYS A 45 -23.91 2.66 -18.77
CA LYS A 45 -25.10 3.52 -18.69
C LYS A 45 -26.07 3.01 -17.60
N GLU A 46 -25.63 1.99 -16.82
CA GLU A 46 -26.34 1.41 -15.68
C GLU A 46 -26.44 2.48 -14.58
N MET A 47 -27.60 2.53 -13.91
CA MET A 47 -27.92 3.48 -12.84
C MET A 47 -27.73 2.82 -11.48
N ILE A 48 -26.85 3.38 -10.66
CA ILE A 48 -26.54 2.83 -9.33
C ILE A 48 -27.03 3.75 -8.26
N PHE A 49 -27.88 3.22 -7.36
CA PHE A 49 -28.43 3.96 -6.23
C PHE A 49 -27.33 4.33 -5.29
N LEU A 50 -27.32 5.59 -4.82
CA LEU A 50 -26.33 6.01 -3.82
C LEU A 50 -27.01 6.31 -2.49
N ILE A 51 -27.98 7.20 -2.51
CA ILE A 51 -28.63 7.64 -1.27
C ILE A 51 -30.00 8.29 -1.57
N ARG A 52 -30.89 8.24 -0.57
CA ARG A 52 -32.18 8.91 -0.67
C ARG A 52 -32.32 9.88 0.49
N GLN A 53 -32.77 11.10 0.20
CA GLN A 53 -33.07 12.13 1.20
C GLN A 53 -34.58 12.42 1.22
N GLY A 54 -35.22 12.17 2.36
CA GLY A 54 -36.64 12.46 2.55
C GLY A 54 -36.87 13.93 2.87
N SER A 55 -37.98 14.49 2.35
CA SER A 55 -38.33 15.91 2.55
C SER A 55 -38.58 16.23 4.02
N ASP A 56 -38.93 15.22 4.84
CA ASP A 56 -39.24 15.45 6.25
C ASP A 56 -38.19 14.78 7.18
N GLU A 57 -37.02 14.43 6.61
CA GLU A 57 -35.95 13.75 7.34
C GLU A 57 -34.73 14.62 7.61
N GLN A 58 -33.90 14.16 8.57
CA GLN A 58 -32.62 14.76 8.89
C GLN A 58 -31.64 14.38 7.77
N ASN A 59 -30.45 14.99 7.72
CA ASN A 59 -29.42 14.71 6.70
C ASN A 59 -29.16 13.22 6.50
N ALA A 60 -29.31 12.75 5.25
CA ALA A 60 -29.13 11.34 4.92
C ALA A 60 -27.66 10.91 4.95
N LYS A 61 -27.44 9.63 5.25
CA LYS A 61 -26.14 8.97 5.27
C LYS A 61 -26.31 7.51 4.82
N SER A 62 -25.42 7.05 3.93
CA SER A 62 -25.39 5.68 3.41
C SER A 62 -23.98 5.44 2.87
N GLY A 63 -23.26 4.49 3.47
CA GLY A 63 -21.87 4.19 3.10
C GLY A 63 -21.03 5.46 3.15
N ARG A 64 -20.36 5.77 2.06
CA ARG A 64 -19.49 6.95 1.97
C ARG A 64 -20.23 8.21 1.50
N TYR A 65 -21.55 8.12 1.34
CA TYR A 65 -22.36 9.23 0.87
C TYR A 65 -23.12 9.91 2.00
N SER A 66 -23.23 11.22 1.88
CA SER A 66 -24.01 12.02 2.82
C SER A 66 -24.67 13.18 2.08
N VAL A 67 -25.80 13.63 2.58
CA VAL A 67 -26.51 14.74 1.96
C VAL A 67 -26.60 15.90 2.93
N ASN A 68 -26.31 17.11 2.45
CA ASN A 68 -26.50 18.31 3.26
C ASN A 68 -27.81 18.90 2.78
N PHE A 69 -28.89 18.58 3.48
CA PHE A 69 -30.22 18.97 3.08
C PHE A 69 -30.58 20.34 3.64
N LYS A 70 -30.61 21.33 2.77
CA LYS A 70 -31.03 22.70 3.08
C LYS A 70 -32.42 22.87 2.47
N LYS A 71 -33.46 22.46 3.21
CA LYS A 71 -34.86 22.43 2.74
C LYS A 71 -35.37 23.78 2.24
N ALA A 72 -35.15 24.87 3.03
CA ALA A 72 -35.61 26.21 2.64
C ALA A 72 -34.99 26.63 1.31
N ALA A 73 -33.67 26.35 1.14
CA ALA A 73 -32.92 26.69 -0.08
C ALA A 73 -33.18 25.70 -1.22
N LYS A 74 -33.91 24.59 -0.94
CA LYS A 74 -34.16 23.48 -1.88
C LYS A 74 -32.80 23.07 -2.50
N SER A 75 -31.82 22.86 -1.60
CA SER A 75 -30.43 22.47 -1.90
C SER A 75 -30.17 21.14 -1.26
N VAL A 76 -29.54 20.24 -1.99
CA VAL A 76 -29.39 18.88 -1.51
C VAL A 76 -28.06 18.29 -2.03
N ALA A 77 -26.97 18.99 -1.72
CA ALA A 77 -25.62 18.62 -2.12
C ALA A 77 -25.21 17.25 -1.61
N LEU A 78 -24.59 16.45 -2.48
CA LEU A 78 -24.05 15.15 -2.11
C LEU A 78 -22.57 15.28 -1.82
N THR A 79 -22.11 14.74 -0.67
CA THR A 79 -20.68 14.67 -0.35
C THR A 79 -20.25 13.23 -0.38
N ILE A 80 -19.17 12.97 -1.12
CA ILE A 80 -18.57 11.64 -1.21
C ILE A 80 -17.26 11.73 -0.43
N SER A 81 -17.13 10.92 0.61
CA SER A 81 -15.91 10.98 1.41
C SER A 81 -14.92 9.90 0.97
N ALA A 82 -13.62 10.10 1.30
CA ALA A 82 -12.51 9.18 1.01
C ALA A 82 -12.60 8.63 -0.43
N LEU A 83 -12.44 9.54 -1.41
CA LEU A 83 -12.56 9.25 -2.83
C LEU A 83 -11.58 8.17 -3.31
N GLN A 84 -12.11 7.28 -4.16
CA GLN A 84 -11.40 6.18 -4.79
C GLN A 84 -11.49 6.33 -6.29
N LEU A 85 -10.59 5.69 -7.04
CA LEU A 85 -10.65 5.76 -8.51
C LEU A 85 -11.99 5.21 -9.06
N GLU A 86 -12.60 4.21 -8.35
CA GLU A 86 -13.90 3.66 -8.81
C GLU A 86 -15.05 4.72 -8.75
N ASP A 87 -14.87 5.81 -7.98
CA ASP A 87 -15.92 6.87 -7.88
C ASP A 87 -16.02 7.76 -9.16
N SER A 88 -15.09 7.65 -10.12
CA SER A 88 -15.16 8.43 -11.37
C SER A 88 -16.37 7.94 -12.18
N ALA A 89 -17.36 8.82 -12.34
CA ALA A 89 -18.65 8.52 -12.99
C ALA A 89 -19.48 9.78 -13.14
N LYS A 90 -20.65 9.66 -13.79
CA LYS A 90 -21.58 10.79 -13.90
C LYS A 90 -22.64 10.64 -12.78
N TYR A 91 -22.80 11.66 -11.97
CA TYR A 91 -23.71 11.62 -10.81
C TYR A 91 -24.96 12.43 -11.07
N PHE A 92 -26.09 11.81 -10.81
CA PHE A 92 -27.40 12.43 -11.04
C PHE A 92 -28.19 12.65 -9.77
N CYS A 93 -28.76 13.86 -9.68
CA CYS A 93 -29.64 14.25 -8.61
C CYS A 93 -31.06 14.16 -9.18
N ALA A 94 -31.97 13.54 -8.44
CA ALA A 94 -33.33 13.36 -8.94
C ALA A 94 -34.33 13.66 -7.86
N LEU A 95 -35.48 14.16 -8.26
CA LEU A 95 -36.57 14.51 -7.38
C LEU A 95 -37.73 13.59 -7.69
N GLY A 96 -38.13 12.83 -6.69
CA GLY A 96 -39.17 11.83 -6.81
C GLY A 96 -40.42 12.16 -6.05
N VAL A 97 -41.53 12.20 -6.82
CA VAL A 97 -42.88 12.50 -6.40
C VAL A 97 -43.76 11.38 -6.98
N THR A 98 -44.34 10.51 -6.10
CA THR A 98 -45.21 9.36 -6.39
C THR A 98 -44.54 8.36 -7.38
N GLY A 99 -43.27 8.07 -7.14
CA GLY A 99 -42.50 7.15 -7.97
C GLY A 99 -41.88 7.75 -9.23
N LYS A 100 -42.48 8.84 -9.75
CA LYS A 100 -42.04 9.57 -10.95
C LYS A 100 -40.84 10.44 -10.64
N LEU A 101 -39.73 10.25 -11.35
CA LEU A 101 -38.53 11.06 -11.07
C LEU A 101 -38.29 12.15 -12.08
N THR A 102 -37.79 13.31 -11.57
CA THR A 102 -37.28 14.42 -12.37
C THR A 102 -35.79 14.43 -12.13
N PHE A 103 -34.95 14.33 -13.18
CA PHE A 103 -33.48 14.29 -13.07
C PHE A 103 -32.79 15.58 -13.41
N GLY A 104 -31.63 15.81 -12.81
CA GLY A 104 -30.76 16.91 -13.20
C GLY A 104 -29.95 16.48 -14.41
N GLN A 105 -29.08 17.40 -14.92
CA GLN A 105 -28.25 17.14 -16.11
C GLN A 105 -27.08 16.21 -15.81
N GLY A 106 -26.77 16.04 -14.52
CA GLY A 106 -25.68 15.18 -14.10
C GLY A 106 -24.38 15.93 -14.08
N THR A 107 -23.47 15.47 -13.21
CA THR A 107 -22.14 16.04 -13.02
C THR A 107 -21.11 14.95 -13.19
N ILE A 108 -20.15 15.14 -14.12
CA ILE A 108 -19.11 14.12 -14.33
C ILE A 108 -17.97 14.36 -13.33
N LEU A 109 -17.83 13.46 -12.37
CA LEU A 109 -16.73 13.52 -11.41
C LEU A 109 -15.59 12.65 -11.91
N THR A 110 -14.37 13.24 -11.99
CA THR A 110 -13.14 12.51 -12.32
C THR A 110 -12.30 12.48 -11.05
N VAL A 111 -11.97 11.27 -10.56
CA VAL A 111 -11.11 11.10 -9.39
C VAL A 111 -9.69 10.93 -9.93
N HIS A 112 -8.78 11.77 -9.46
CA HIS A 112 -7.42 11.76 -9.98
C HIS A 112 -6.43 11.19 -9.02
N PRO A 113 -5.30 10.64 -9.52
CA PRO A 113 -4.26 10.17 -8.61
C PRO A 113 -3.60 11.31 -7.85
N ASN A 114 -2.97 11.02 -6.72
CA ASN A 114 -2.25 12.06 -6.00
C ASN A 114 -0.92 12.25 -6.72
N ILE A 115 -0.71 13.43 -7.33
CA ILE A 115 0.52 13.72 -8.07
C ILE A 115 1.35 14.65 -7.19
N GLN A 116 2.31 14.08 -6.45
CA GLN A 116 3.14 14.85 -5.52
C GLN A 116 4.09 15.80 -6.29
N ASN A 117 4.64 15.34 -7.41
CA ASN A 117 5.57 16.13 -8.22
C ASN A 117 5.06 16.23 -9.64
N PRO A 118 4.16 17.21 -9.93
CA PRO A 118 3.71 17.36 -11.31
C PRO A 118 4.87 17.72 -12.21
N ASP A 119 4.83 17.20 -13.45
CA ASP A 119 5.91 17.45 -14.40
C ASP A 119 5.23 17.74 -15.74
N PRO A 120 4.35 18.78 -15.84
CA PRO A 120 3.56 18.96 -17.08
C PRO A 120 4.46 19.10 -18.30
N ALA A 121 4.11 18.39 -19.36
CA ALA A 121 4.91 18.34 -20.58
C ALA A 121 4.07 17.98 -21.78
N VAL A 122 4.48 18.44 -22.97
CA VAL A 122 3.81 18.13 -24.23
C VAL A 122 4.82 17.41 -25.12
N TYR A 123 4.52 16.14 -25.41
CA TYR A 123 5.40 15.29 -26.21
C TYR A 123 4.86 15.03 -27.60
N GLN A 124 5.77 15.12 -28.58
CA GLN A 124 5.51 14.82 -29.99
C GLN A 124 5.76 13.32 -30.18
N LEU A 125 4.74 12.61 -30.60
CA LEU A 125 4.92 11.17 -30.79
C LEU A 125 5.35 10.86 -32.21
N ARG A 126 6.03 9.70 -32.41
CA ARG A 126 6.44 9.24 -33.73
C ARG A 126 5.19 8.92 -34.54
N ASP A 127 5.17 9.27 -35.83
CA ASP A 127 4.02 8.99 -36.69
C ASP A 127 3.88 7.46 -36.87
N SER A 128 2.64 6.97 -36.90
CA SER A 128 2.34 5.57 -37.13
C SER A 128 2.43 5.30 -38.65
N LYS A 129 3.09 4.19 -39.07
CA LYS A 129 3.23 3.87 -40.51
C LYS A 129 1.88 3.38 -41.08
N SER A 130 0.89 3.23 -40.18
CA SER A 130 -0.46 2.75 -40.45
C SER A 130 -1.53 3.87 -40.31
N SER A 131 -1.12 5.13 -40.03
CA SER A 131 -2.06 6.25 -39.89
C SER A 131 -1.45 7.56 -40.40
N ASP A 132 -2.28 8.46 -40.96
CA ASP A 132 -1.78 9.77 -41.43
C ASP A 132 -1.91 10.85 -40.30
N LYS A 133 -2.27 10.41 -39.09
CA LYS A 133 -2.48 11.31 -37.96
C LYS A 133 -1.19 11.56 -37.17
N SER A 134 -0.95 12.85 -36.85
CA SER A 134 0.17 13.24 -36.00
CA SER A 134 0.16 13.29 -36.01
C SER A 134 -0.42 13.45 -34.60
N VAL A 135 0.19 12.86 -33.57
CA VAL A 135 -0.36 12.93 -32.20
C VAL A 135 0.58 13.66 -31.23
N CYS A 136 -0.04 14.49 -30.34
CA CYS A 136 0.62 15.23 -29.27
C CYS A 136 0.04 14.73 -27.97
N LEU A 137 0.92 14.45 -27.01
CA LEU A 137 0.51 14.02 -25.70
C LEU A 137 0.81 15.09 -24.65
N PHE A 138 -0.21 15.63 -23.99
CA PHE A 138 -0.03 16.54 -22.86
C PHE A 138 -0.15 15.68 -21.57
N THR A 139 0.96 15.51 -20.80
CA THR A 139 0.89 14.58 -19.67
C THR A 139 1.61 15.11 -18.40
N ASP A 140 1.34 14.45 -17.26
CA ASP A 140 1.94 14.73 -15.93
C ASP A 140 1.56 16.11 -15.39
N PHE A 141 0.38 16.60 -15.77
CA PHE A 141 -0.15 17.86 -15.26
C PHE A 141 -0.96 17.53 -13.99
N ASP A 142 -1.31 18.54 -13.19
CA ASP A 142 -2.07 18.33 -11.97
C ASP A 142 -3.58 18.30 -12.24
N SER A 143 -4.33 17.74 -11.27
CA SER A 143 -5.79 17.50 -11.35
C SER A 143 -6.60 18.71 -11.76
N GLN A 144 -6.16 19.89 -11.40
CA GLN A 144 -6.98 21.07 -11.64
C GLN A 144 -6.76 21.70 -13.04
N THR A 145 -5.87 21.12 -13.86
CA THR A 145 -5.64 21.58 -15.25
C THR A 145 -6.88 21.32 -16.07
N ASN A 146 -7.31 22.32 -16.83
CA ASN A 146 -8.46 22.25 -17.71
C ASN A 146 -7.98 22.25 -19.14
N VAL A 147 -8.36 21.22 -19.88
CA VAL A 147 -7.95 21.05 -21.28
C VAL A 147 -9.10 21.55 -22.16
N SER A 148 -8.85 22.64 -22.89
CA SER A 148 -9.86 23.24 -23.77
C SER A 148 -10.00 22.47 -25.06
N GLN A 149 -11.22 22.55 -25.64
CA GLN A 149 -11.55 21.92 -26.90
C GLN A 149 -10.85 22.64 -28.04
N SER A 150 -10.73 21.94 -29.16
CA SER A 150 -10.15 22.52 -30.36
C SER A 150 -11.06 23.62 -30.95
N LYS A 151 -10.45 24.64 -31.58
CA LYS A 151 -11.17 25.71 -32.28
C LYS A 151 -10.90 25.58 -33.79
N ASP A 152 -10.55 24.34 -34.24
CA ASP A 152 -10.25 24.02 -35.65
C ASP A 152 -10.80 22.62 -35.93
N SER A 153 -11.76 22.51 -36.88
CA SER A 153 -12.41 21.26 -37.26
C SER A 153 -11.42 20.13 -37.61
N ASP A 154 -10.25 20.48 -38.15
CA ASP A 154 -9.23 19.51 -38.58
C ASP A 154 -8.25 19.14 -37.43
N VAL A 155 -8.51 19.61 -36.20
CA VAL A 155 -7.68 19.33 -35.01
C VAL A 155 -8.59 18.75 -33.94
N TYR A 156 -8.23 17.60 -33.40
CA TYR A 156 -9.04 16.93 -32.38
C TYR A 156 -8.32 16.95 -31.05
N ILE A 157 -9.02 17.35 -29.99
CA ILE A 157 -8.41 17.44 -28.66
C ILE A 157 -9.33 16.79 -27.66
N THR A 158 -8.81 15.83 -26.92
CA THR A 158 -9.59 15.11 -25.91
C THR A 158 -9.63 15.87 -24.60
N ASP A 159 -10.54 15.47 -23.71
CA ASP A 159 -10.53 15.97 -22.36
C ASP A 159 -9.42 15.21 -21.62
N LYS A 160 -9.20 15.51 -20.34
CA LYS A 160 -8.24 14.76 -19.53
C LYS A 160 -8.85 13.37 -19.26
N CYS A 161 -8.03 12.33 -19.29
CA CYS A 161 -8.50 10.96 -19.24
C CYS A 161 -8.93 10.53 -17.83
N VAL A 162 -9.61 9.38 -17.79
CA VAL A 162 -10.09 8.76 -16.56
C VAL A 162 -9.26 7.50 -16.35
N LEU A 163 -8.53 7.45 -15.24
CA LEU A 163 -7.72 6.28 -14.94
C LEU A 163 -8.56 5.04 -14.75
N ASP A 164 -8.06 3.90 -15.27
CA ASP A 164 -8.66 2.59 -15.07
C ASP A 164 -8.79 2.41 -13.55
N MET A 165 -9.98 2.05 -13.05
CA MET A 165 -10.22 1.95 -11.60
C MET A 165 -9.36 0.88 -10.89
N ARG A 166 -8.80 -0.10 -11.64
CA ARG A 166 -7.96 -1.17 -11.10
C ARG A 166 -6.47 -0.86 -11.28
N SER A 167 -6.13 0.35 -11.78
CA SER A 167 -4.75 0.73 -11.99
C SER A 167 -4.02 0.81 -10.65
N MET A 168 -2.80 0.32 -10.62
CA MET A 168 -2.03 0.32 -9.37
C MET A 168 -0.60 0.77 -9.65
N ASP A 169 -0.37 1.41 -10.83
CA ASP A 169 0.96 1.89 -11.21
C ASP A 169 0.90 2.87 -12.39
N PHE A 170 2.01 3.64 -12.56
CA PHE A 170 2.22 4.63 -13.64
C PHE A 170 0.97 5.47 -13.87
N LYS A 171 0.41 5.95 -12.74
CA LYS A 171 -0.81 6.77 -12.68
C LYS A 171 -0.45 8.16 -13.06
N SER A 172 -1.13 8.73 -14.06
CA SER A 172 -0.80 10.06 -14.57
C SER A 172 -1.99 10.70 -15.27
N ASN A 173 -2.10 12.04 -15.21
CA ASN A 173 -3.15 12.71 -15.95
C ASN A 173 -2.66 13.02 -17.36
N SER A 174 -3.49 12.84 -18.39
CA SER A 174 -3.08 13.15 -19.74
C SER A 174 -4.28 13.49 -20.63
N ALA A 175 -4.00 14.16 -21.76
CA ALA A 175 -4.91 14.50 -22.86
C ALA A 175 -4.10 14.35 -24.11
N VAL A 176 -4.77 14.19 -25.25
CA VAL A 176 -4.08 14.04 -26.51
C VAL A 176 -4.68 15.00 -27.56
N ALA A 177 -3.87 15.39 -28.56
CA ALA A 177 -4.35 16.22 -29.66
C ALA A 177 -3.80 15.61 -30.93
N TRP A 178 -4.64 15.49 -31.94
CA TRP A 178 -4.17 14.88 -33.17
C TRP A 178 -4.76 15.60 -34.37
N SER A 179 -4.07 15.49 -35.50
CA SER A 179 -4.47 16.13 -36.75
C SER A 179 -3.73 15.53 -37.93
N ASN A 180 -4.31 15.62 -39.13
CA ASN A 180 -3.59 15.23 -40.33
C ASN A 180 -3.15 16.50 -41.11
N LYS A 181 -3.41 17.72 -40.55
CA LYS A 181 -2.98 18.97 -41.20
C LYS A 181 -1.47 19.00 -41.37
N SER A 182 -0.96 19.51 -42.50
CA SER A 182 0.48 19.59 -42.79
C SER A 182 1.28 20.41 -41.74
N ASP A 183 0.69 21.51 -41.25
CA ASP A 183 1.26 22.51 -40.32
C ASP A 183 1.13 22.18 -38.82
N PHE A 184 0.47 21.08 -38.47
CA PHE A 184 0.22 20.72 -37.08
C PHE A 184 1.50 20.50 -36.29
N ALA A 185 1.63 21.23 -35.16
CA ALA A 185 2.79 21.12 -34.27
C ALA A 185 2.34 21.08 -32.81
N CYS A 186 3.01 20.25 -32.01
CA CYS A 186 2.71 20.09 -30.58
C CYS A 186 2.99 21.32 -29.75
N ALA A 187 3.95 22.18 -30.17
CA ALA A 187 4.32 23.42 -29.48
C ALA A 187 3.09 24.31 -29.25
N ASN A 188 2.11 24.27 -30.18
CA ASN A 188 0.92 25.18 -30.11
C ASN A 188 -0.44 24.48 -29.99
N ALA A 189 -0.46 23.14 -30.06
CA ALA A 189 -1.65 22.31 -30.05
C ALA A 189 -2.59 22.60 -28.86
N PHE A 190 -2.02 22.84 -27.69
CA PHE A 190 -2.81 23.07 -26.49
C PHE A 190 -2.87 24.55 -26.04
N ASN A 191 -2.62 25.51 -26.95
CA ASN A 191 -2.65 26.98 -26.71
CA ASN A 191 -2.56 26.89 -26.46
C ASN A 191 -3.96 27.53 -26.14
N ASN A 192 -5.08 26.86 -26.47
CA ASN A 192 -6.41 27.30 -26.03
C ASN A 192 -6.60 26.96 -24.54
N SER A 193 -5.69 26.17 -23.96
CA SER A 193 -5.71 25.79 -22.56
C SER A 193 -4.82 26.71 -21.72
N ILE A 194 -5.18 26.91 -20.42
CA ILE A 194 -4.36 27.70 -19.50
C ILE A 194 -3.47 26.68 -18.79
N ILE A 195 -2.20 26.71 -19.10
CA ILE A 195 -1.30 25.67 -18.59
C ILE A 195 -0.15 26.27 -17.76
N PRO A 196 0.48 25.46 -16.87
CA PRO A 196 1.58 26.00 -16.04
C PRO A 196 2.71 26.62 -16.88
N GLU A 197 3.30 27.73 -16.37
CA GLU A 197 4.38 28.43 -17.07
C GLU A 197 5.60 27.51 -17.27
N ASP A 198 5.74 26.48 -16.39
CA ASP A 198 6.87 25.55 -16.45
C ASP A 198 6.55 24.25 -17.24
N THR A 199 5.41 24.20 -18.00
CA THR A 199 5.17 23.08 -18.89
C THR A 199 6.41 22.88 -19.81
N PHE A 200 6.89 21.65 -19.88
CA PHE A 200 8.07 21.29 -20.66
C PHE A 200 7.70 21.02 -22.11
N PHE A 201 8.34 21.71 -23.05
CA PHE A 201 8.10 21.48 -24.49
C PHE A 201 9.40 20.99 -25.16
N PRO A 202 9.71 19.67 -25.16
CA PRO A 202 10.99 19.25 -25.76
C PRO A 202 10.99 19.48 -27.28
N SER A 203 12.16 19.88 -27.85
CA SER A 203 12.33 20.13 -29.30
C SER A 203 11.81 18.97 -30.17
N VAL B 5 -35.04 -7.91 -9.51
CA VAL B 5 -34.34 -7.09 -10.50
C VAL B 5 -35.22 -6.87 -11.74
N VAL B 6 -35.01 -5.73 -12.43
CA VAL B 6 -35.75 -5.41 -13.65
C VAL B 6 -34.79 -5.65 -14.81
N SER B 7 -35.24 -6.43 -15.80
CA SER B 7 -34.41 -6.77 -16.97
C SER B 7 -35.07 -6.23 -18.23
N GLN B 8 -34.30 -5.49 -19.05
CA GLN B 8 -34.73 -4.91 -20.31
C GLN B 8 -34.19 -5.68 -21.50
N HIS B 9 -35.00 -5.78 -22.54
CA HIS B 9 -34.60 -6.46 -23.75
C HIS B 9 -34.99 -5.62 -24.98
N PRO B 10 -34.06 -5.37 -25.93
CA PRO B 10 -32.62 -5.73 -25.91
C PRO B 10 -31.79 -4.67 -25.19
N SER B 11 -30.49 -4.95 -24.93
CA SER B 11 -29.58 -4.00 -24.30
CA SER B 11 -29.64 -3.96 -24.29
C SER B 11 -29.18 -2.92 -25.31
N ARG B 12 -29.11 -3.33 -26.60
CA ARG B 12 -28.68 -2.52 -27.75
C ARG B 12 -29.45 -2.93 -28.97
N VAL B 13 -29.74 -1.98 -29.85
CA VAL B 13 -30.38 -2.33 -31.14
C VAL B 13 -30.11 -1.22 -32.15
N ILE B 14 -29.67 -1.65 -33.34
CA ILE B 14 -29.45 -0.78 -34.51
C ILE B 14 -30.58 -1.13 -35.45
N SER B 15 -31.49 -0.19 -35.71
CA SER B 15 -32.66 -0.42 -36.54
CA SER B 15 -32.62 -0.46 -36.59
C SER B 15 -32.70 0.52 -37.75
N LYS B 16 -33.33 0.07 -38.85
CA LYS B 16 -33.52 0.90 -40.03
C LYS B 16 -34.73 1.83 -39.79
N SER B 17 -34.69 3.05 -40.34
CA SER B 17 -35.80 3.99 -40.26
C SER B 17 -37.10 3.35 -40.80
N GLY B 18 -38.23 3.67 -40.17
CA GLY B 18 -39.54 3.16 -40.58
C GLY B 18 -39.94 1.82 -40.00
N THR B 19 -39.07 1.19 -39.24
CA THR B 19 -39.39 -0.11 -38.63
C THR B 19 -40.03 0.09 -37.25
N SER B 20 -40.74 -0.93 -36.75
CA SER B 20 -41.33 -0.90 -35.41
CA SER B 20 -41.34 -0.91 -35.42
C SER B 20 -40.34 -1.55 -34.46
N VAL B 21 -39.84 -0.78 -33.47
CA VAL B 21 -38.83 -1.25 -32.53
C VAL B 21 -39.48 -1.50 -31.16
N LYS B 22 -39.47 -2.76 -30.73
CA LYS B 22 -40.07 -3.16 -29.45
C LYS B 22 -39.00 -3.30 -28.37
N ILE B 23 -39.24 -2.65 -27.22
CA ILE B 23 -38.34 -2.69 -26.06
C ILE B 23 -39.19 -3.23 -24.94
N GLU B 24 -38.63 -4.22 -24.20
CA GLU B 24 -39.36 -4.91 -23.13
C GLU B 24 -38.75 -4.64 -21.78
N CYS B 25 -39.61 -4.55 -20.75
CA CYS B 25 -39.22 -4.30 -19.35
C CYS B 25 -39.86 -5.37 -18.50
N ARG B 26 -39.04 -6.28 -17.98
CA ARG B 26 -39.52 -7.42 -17.21
C ARG B 26 -39.08 -7.37 -15.76
N SER B 27 -40.01 -7.57 -14.84
CA SER B 27 -39.66 -7.65 -13.43
C SER B 27 -39.39 -9.14 -13.10
N LEU B 28 -38.13 -9.43 -12.68
CA LEU B 28 -37.68 -10.79 -12.33
C LEU B 28 -37.78 -10.99 -10.84
N ASP B 29 -38.43 -12.10 -10.45
CA ASP B 29 -38.65 -12.54 -9.06
C ASP B 29 -39.63 -11.62 -8.30
N PHE B 30 -40.36 -10.74 -9.00
CA PHE B 30 -41.39 -9.91 -8.37
C PHE B 30 -42.38 -9.43 -9.41
N GLN B 31 -43.54 -9.00 -8.96
CA GLN B 31 -44.59 -8.50 -9.83
C GLN B 31 -44.69 -6.98 -9.75
N ALA B 32 -44.89 -6.33 -10.91
CA ALA B 32 -45.02 -4.87 -10.99
C ALA B 32 -46.32 -4.52 -11.70
N THR B 33 -47.20 -3.77 -11.04
CA THR B 33 -48.46 -3.35 -11.65
C THR B 33 -48.24 -2.02 -12.38
N THR B 34 -47.07 -1.39 -12.12
CA THR B 34 -46.69 -0.11 -12.69
C THR B 34 -45.24 -0.14 -13.14
N MET B 35 -44.97 0.37 -14.34
CA MET B 35 -43.61 0.50 -14.86
C MET B 35 -43.45 1.87 -15.51
N PHE B 36 -42.31 2.52 -15.24
CA PHE B 36 -41.97 3.84 -15.76
C PHE B 36 -41.01 3.71 -16.91
N TRP B 37 -41.16 4.55 -17.96
CA TRP B 37 -40.27 4.56 -19.13
C TRP B 37 -39.58 5.92 -19.27
N TYR B 38 -38.25 5.89 -19.16
CA TYR B 38 -37.42 7.09 -19.28
C TYR B 38 -36.61 7.08 -20.60
N ARG B 39 -36.28 8.29 -21.07
CA ARG B 39 -35.45 8.48 -22.26
C ARG B 39 -34.33 9.49 -21.94
N GLN B 40 -33.09 9.19 -22.38
CA GLN B 40 -31.93 10.05 -22.17
C GLN B 40 -31.17 10.24 -23.47
N PHE B 41 -31.15 11.48 -23.97
CA PHE B 41 -30.35 11.86 -25.13
C PHE B 41 -28.91 12.14 -24.65
N PRO B 42 -27.86 11.99 -25.49
CA PRO B 42 -26.46 12.11 -24.97
C PRO B 42 -26.16 13.43 -24.27
N LYS B 43 -25.43 13.35 -23.12
CA LYS B 43 -25.02 14.45 -22.23
C LYS B 43 -26.25 15.18 -21.59
N GLN B 44 -27.48 14.65 -21.78
CA GLN B 44 -28.72 15.22 -21.25
C GLN B 44 -29.25 14.42 -20.06
N SER B 45 -30.34 14.88 -19.46
CA SER B 45 -30.93 14.20 -18.30
C SER B 45 -31.85 13.06 -18.74
N LEU B 46 -32.21 12.20 -17.78
CA LEU B 46 -33.19 11.15 -18.00
C LEU B 46 -34.52 11.84 -17.91
N MET B 47 -35.40 11.64 -18.90
CA MET B 47 -36.71 12.30 -18.87
C MET B 47 -37.81 11.26 -18.88
N LEU B 48 -38.80 11.38 -17.97
CA LEU B 48 -39.92 10.43 -17.97
C LEU B 48 -40.75 10.62 -19.22
N MET B 49 -41.02 9.53 -19.92
CA MET B 49 -41.84 9.55 -21.14
C MET B 49 -43.25 9.14 -20.85
N ALA B 50 -43.41 8.00 -20.15
CA ALA B 50 -44.71 7.40 -19.94
C ALA B 50 -44.72 6.45 -18.76
N THR B 51 -45.95 6.12 -18.28
CA THR B 51 -46.18 5.20 -17.17
C THR B 51 -47.11 4.09 -17.61
N SER B 52 -46.61 2.84 -17.54
CA SER B 52 -47.40 1.66 -17.86
C SER B 52 -48.16 1.23 -16.62
N ASN B 53 -49.44 0.85 -16.78
CA ASN B 53 -50.28 0.45 -15.64
C ASN B 53 -51.04 -0.82 -15.94
N GLU B 54 -51.06 -1.77 -14.98
CA GLU B 54 -51.85 -3.00 -15.12
C GLU B 54 -53.34 -2.66 -15.09
N GLY B 55 -54.09 -3.23 -16.03
CA GLY B 55 -55.54 -3.12 -16.16
C GLY B 55 -56.10 -1.78 -16.57
N SER B 56 -55.24 -0.84 -17.02
CA SER B 56 -55.66 0.49 -17.46
C SER B 56 -54.68 1.09 -18.47
N LYS B 57 -55.12 2.17 -19.11
CA LYS B 57 -54.40 2.93 -20.14
C LYS B 57 -53.08 3.50 -19.62
N ALA B 58 -52.09 3.55 -20.52
CA ALA B 58 -50.79 4.11 -20.25
C ALA B 58 -50.90 5.65 -20.13
N THR B 59 -50.17 6.22 -19.17
CA THR B 59 -50.09 7.66 -18.90
C THR B 59 -48.92 8.19 -19.71
N TYR B 60 -49.10 9.31 -20.43
CA TYR B 60 -48.04 9.91 -21.22
C TYR B 60 -47.66 11.27 -20.67
N GLU B 61 -46.37 11.57 -20.67
CA GLU B 61 -45.87 12.87 -20.19
C GLU B 61 -46.01 13.92 -21.30
N GLN B 62 -45.91 15.23 -20.94
CA GLN B 62 -46.04 16.34 -21.90
C GLN B 62 -44.98 16.25 -23.01
N GLY B 63 -45.42 16.36 -24.26
CA GLY B 63 -44.57 16.30 -25.45
C GLY B 63 -44.31 14.91 -25.98
N VAL B 64 -44.86 13.87 -25.33
CA VAL B 64 -44.68 12.48 -25.75
C VAL B 64 -45.88 12.07 -26.60
N GLU B 65 -45.62 11.79 -27.89
CA GLU B 65 -46.61 11.41 -28.89
C GLU B 65 -47.04 9.94 -28.71
N LYS B 66 -48.31 9.72 -28.32
CA LYS B 66 -48.95 8.42 -28.09
C LYS B 66 -48.91 7.51 -29.33
N ASP B 67 -48.94 8.12 -30.53
CA ASP B 67 -48.90 7.43 -31.83
C ASP B 67 -47.50 6.91 -32.16
N LYS B 68 -46.46 7.64 -31.73
CA LYS B 68 -45.06 7.27 -31.99
C LYS B 68 -44.54 6.25 -30.98
N PHE B 69 -45.02 6.32 -29.72
CA PHE B 69 -44.55 5.42 -28.67
C PHE B 69 -45.70 4.67 -28.01
N LEU B 70 -45.90 3.39 -28.39
CA LEU B 70 -46.96 2.56 -27.79
C LEU B 70 -46.47 1.93 -26.51
N ILE B 71 -47.15 2.21 -25.39
CA ILE B 71 -46.82 1.65 -24.07
C ILE B 71 -47.91 0.64 -23.72
N ASN B 72 -47.49 -0.57 -23.30
CA ASN B 72 -48.42 -1.64 -22.97
C ASN B 72 -47.97 -2.45 -21.75
N HIS B 73 -48.91 -2.73 -20.84
CA HIS B 73 -48.67 -3.59 -19.67
C HIS B 73 -49.15 -4.99 -20.07
N ALA B 74 -48.24 -5.80 -20.67
CA ALA B 74 -48.52 -7.14 -21.23
C ALA B 74 -48.93 -8.19 -20.18
N SER B 75 -48.40 -8.07 -18.96
CA SER B 75 -48.65 -8.98 -17.85
C SER B 75 -48.23 -8.31 -16.54
N LEU B 76 -48.39 -8.98 -15.40
CA LEU B 76 -47.99 -8.44 -14.10
C LEU B 76 -46.43 -8.39 -13.96
N THR B 77 -45.70 -8.90 -14.95
CA THR B 77 -44.22 -8.90 -14.93
C THR B 77 -43.62 -8.25 -16.18
N LEU B 78 -44.45 -7.79 -17.15
CA LEU B 78 -43.93 -7.24 -18.39
C LEU B 78 -44.62 -5.95 -18.87
N SER B 79 -43.79 -4.98 -19.22
CA SER B 79 -44.23 -3.72 -19.85
C SER B 79 -43.44 -3.55 -21.14
N THR B 80 -44.12 -3.13 -22.21
CA THR B 80 -43.42 -2.96 -23.49
CA THR B 80 -43.41 -2.96 -23.48
C THR B 80 -43.56 -1.54 -24.01
N LEU B 81 -42.54 -1.06 -24.69
CA LEU B 81 -42.50 0.25 -25.33
C LEU B 81 -42.17 -0.01 -26.81
N THR B 82 -43.07 0.41 -27.71
CA THR B 82 -42.87 0.22 -29.13
C THR B 82 -42.68 1.58 -29.81
N VAL B 83 -41.52 1.75 -30.45
CA VAL B 83 -41.16 2.89 -31.28
C VAL B 83 -41.70 2.57 -32.66
N THR B 84 -42.84 3.16 -32.97
CA THR B 84 -43.46 2.97 -34.26
C THR B 84 -42.83 3.98 -35.20
N SER B 85 -42.69 3.57 -36.48
CA SER B 85 -42.07 4.38 -37.53
C SER B 85 -40.76 5.01 -37.03
N ALA B 86 -39.78 4.15 -36.59
CA ALA B 86 -38.49 4.64 -36.06
C ALA B 86 -37.84 5.67 -37.01
N HIS B 87 -37.34 6.77 -36.45
CA HIS B 87 -36.67 7.85 -37.19
C HIS B 87 -35.26 8.06 -36.55
N PRO B 88 -34.19 8.50 -37.27
CA PRO B 88 -32.88 8.68 -36.62
C PRO B 88 -32.91 9.59 -35.38
N GLU B 89 -33.91 10.51 -35.30
CA GLU B 89 -34.13 11.41 -34.16
C GLU B 89 -34.56 10.64 -32.91
N ASP B 90 -35.08 9.40 -33.08
CA ASP B 90 -35.51 8.56 -31.96
C ASP B 90 -34.32 7.88 -31.27
N SER B 91 -33.12 7.95 -31.89
CA SER B 91 -31.91 7.35 -31.33
C SER B 91 -31.66 7.96 -29.98
N SER B 92 -31.73 7.13 -28.95
CA SER B 92 -31.58 7.58 -27.57
C SER B 92 -31.34 6.38 -26.67
N PHE B 93 -31.24 6.62 -25.37
CA PHE B 93 -31.08 5.59 -24.35
C PHE B 93 -32.41 5.50 -23.61
N TYR B 94 -33.05 4.34 -23.67
CA TYR B 94 -34.36 4.08 -23.04
C TYR B 94 -34.17 3.17 -21.88
N ILE B 95 -34.56 3.63 -20.68
CA ILE B 95 -34.39 2.89 -19.46
C ILE B 95 -35.72 2.86 -18.71
N CYS B 96 -36.08 1.66 -18.24
CA CYS B 96 -37.33 1.47 -17.52
C CYS B 96 -37.07 1.28 -16.03
N SER B 97 -38.11 1.42 -15.22
CA SER B 97 -38.01 1.18 -13.77
C SER B 97 -39.32 0.65 -13.25
N ALA B 98 -39.27 -0.02 -12.11
CA ALA B 98 -40.45 -0.50 -11.42
C ALA B 98 -40.31 -0.18 -9.94
N PRO B 99 -41.40 0.25 -9.24
CA PRO B 99 -41.29 0.56 -7.80
C PRO B 99 -40.83 -0.63 -6.98
N GLY B 100 -40.16 -0.33 -5.89
CA GLY B 100 -39.67 -1.35 -4.98
C GLY B 100 -38.32 -0.99 -4.44
N GLY B 101 -38.24 -0.95 -3.13
CA GLY B 101 -37.01 -0.64 -2.43
C GLY B 101 -36.93 0.80 -2.01
N VAL B 102 -35.74 1.25 -1.60
CA VAL B 102 -35.51 2.63 -1.20
C VAL B 102 -35.72 3.50 -2.46
N GLY B 103 -35.07 3.12 -3.56
CA GLY B 103 -35.25 3.81 -4.82
C GLY B 103 -36.39 3.20 -5.60
N ALA B 104 -36.02 2.67 -6.75
CA ALA B 104 -36.83 1.95 -7.71
C ALA B 104 -35.92 0.99 -8.37
N PHE B 105 -36.46 -0.10 -8.91
CA PHE B 105 -35.59 -1.05 -9.61
C PHE B 105 -35.45 -0.59 -11.02
N PHE B 106 -34.24 -0.28 -11.45
CA PHE B 106 -34.01 0.14 -12.83
C PHE B 106 -33.55 -1.00 -13.69
N GLY B 107 -34.01 -1.00 -14.94
CA GLY B 107 -33.48 -1.89 -15.96
C GLY B 107 -32.10 -1.39 -16.36
N GLN B 108 -31.35 -2.18 -17.10
CA GLN B 108 -29.99 -1.76 -17.51
C GLN B 108 -30.05 -0.85 -18.77
N GLY B 109 -31.26 -0.62 -19.27
CA GLY B 109 -31.45 0.25 -20.42
C GLY B 109 -31.26 -0.38 -21.78
N THR B 110 -31.68 0.37 -22.81
CA THR B 110 -31.58 0.01 -24.24
C THR B 110 -30.98 1.18 -25.00
N ARG B 111 -29.85 0.91 -25.67
CA ARG B 111 -29.17 1.90 -26.51
C ARG B 111 -29.78 1.75 -27.91
N LEU B 112 -30.79 2.55 -28.21
CA LEU B 112 -31.43 2.48 -29.53
C LEU B 112 -30.71 3.40 -30.51
N THR B 113 -30.24 2.84 -31.64
CA THR B 113 -29.65 3.56 -32.76
C THR B 113 -30.57 3.36 -33.96
N VAL B 114 -31.12 4.47 -34.50
CA VAL B 114 -31.98 4.39 -35.69
C VAL B 114 -31.17 5.01 -36.83
N VAL B 115 -30.97 4.24 -37.90
CA VAL B 115 -30.20 4.68 -39.07
C VAL B 115 -31.07 4.65 -40.29
N GLU B 116 -30.91 5.64 -41.15
CA GLU B 116 -31.62 5.72 -42.43
C GLU B 116 -31.27 4.48 -43.29
N ASP B 117 -30.00 4.03 -43.20
CA ASP B 117 -29.47 2.88 -43.94
C ASP B 117 -28.42 2.20 -43.10
N LEU B 118 -28.35 0.85 -43.14
CA LEU B 118 -27.35 0.11 -42.33
C LEU B 118 -25.89 0.49 -42.72
N LYS B 119 -25.69 1.07 -43.95
CA LYS B 119 -24.37 1.54 -44.39
C LYS B 119 -23.92 2.79 -43.60
N ASN B 120 -24.77 3.36 -42.70
CA ASN B 120 -24.31 4.48 -41.86
C ASN B 120 -23.46 3.96 -40.69
N VAL B 121 -23.43 2.62 -40.50
CA VAL B 121 -22.71 1.94 -39.41
C VAL B 121 -21.27 1.68 -39.84
N PHE B 122 -20.33 2.18 -39.03
CA PHE B 122 -18.90 2.08 -39.27
C PHE B 122 -18.17 1.58 -38.05
N PRO B 123 -17.28 0.60 -38.22
CA PRO B 123 -16.45 0.16 -37.09
C PRO B 123 -15.30 1.15 -36.88
N PRO B 124 -14.61 1.07 -35.74
CA PRO B 124 -13.47 1.97 -35.53
C PRO B 124 -12.26 1.58 -36.36
N GLU B 125 -11.46 2.58 -36.74
CA GLU B 125 -10.11 2.41 -37.27
C GLU B 125 -9.26 2.55 -36.04
N VAL B 126 -8.28 1.68 -35.83
CA VAL B 126 -7.53 1.72 -34.57
C VAL B 126 -6.07 1.82 -34.86
N ALA B 127 -5.37 2.81 -34.25
CA ALA B 127 -3.96 3.01 -34.46
C ALA B 127 -3.24 3.12 -33.13
N VAL B 128 -2.01 2.66 -33.10
CA VAL B 128 -1.19 2.82 -31.90
C VAL B 128 0.04 3.70 -32.23
N PHE B 129 0.39 4.57 -31.28
CA PHE B 129 1.49 5.52 -31.41
C PHE B 129 2.47 5.20 -30.31
N GLU B 130 3.73 5.04 -30.69
CA GLU B 130 4.82 4.67 -29.78
C GLU B 130 5.30 5.79 -28.86
N PRO B 131 5.86 5.41 -27.66
CA PRO B 131 6.42 6.42 -26.75
C PRO B 131 7.45 7.32 -27.39
N SER B 132 7.39 8.58 -27.01
CA SER B 132 8.27 9.61 -27.48
C SER B 132 9.59 9.41 -26.77
N GLU B 133 10.71 9.54 -27.49
CA GLU B 133 12.02 9.42 -26.87
C GLU B 133 12.24 10.55 -25.83
N ALA B 134 11.66 11.71 -26.09
CA ALA B 134 11.74 12.85 -25.18
C ALA B 134 11.08 12.52 -23.82
N GLU B 135 9.93 11.79 -23.84
CA GLU B 135 9.27 11.36 -22.59
C GLU B 135 10.15 10.35 -21.82
N ILE B 136 10.74 9.38 -22.53
CA ILE B 136 11.61 8.39 -21.90
C ILE B 136 12.81 9.09 -21.19
N SER B 137 13.45 10.05 -21.89
CA SER B 137 14.60 10.78 -21.35
CA SER B 137 14.59 10.81 -21.38
C SER B 137 14.23 11.65 -20.16
N HIS B 138 13.05 12.28 -20.19
CA HIS B 138 12.64 13.15 -19.11
C HIS B 138 12.13 12.43 -17.88
N THR B 139 11.42 11.30 -18.06
CA THR B 139 10.73 10.67 -16.94
C THR B 139 11.09 9.21 -16.64
N GLN B 140 11.83 8.54 -17.55
CA GLN B 140 12.17 7.09 -17.51
C GLN B 140 10.88 6.25 -17.63
N LYS B 141 9.82 6.87 -18.18
CA LYS B 141 8.52 6.24 -18.40
C LYS B 141 8.18 6.34 -19.87
N ALA B 142 7.30 5.46 -20.34
CA ALA B 142 6.95 5.39 -21.74
C ALA B 142 5.46 5.20 -21.91
N THR B 143 4.82 6.16 -22.59
CA THR B 143 3.37 6.13 -22.81
C THR B 143 3.03 5.77 -24.25
N LEU B 144 2.22 4.72 -24.41
CA LEU B 144 1.68 4.39 -25.73
C LEU B 144 0.33 5.06 -25.86
N VAL B 145 -0.05 5.44 -27.07
CA VAL B 145 -1.33 6.09 -27.28
C VAL B 145 -2.11 5.25 -28.28
N CYS B 146 -3.37 5.00 -27.96
CA CYS B 146 -4.25 4.29 -28.90
C CYS B 146 -5.32 5.26 -29.33
N LEU B 147 -5.63 5.30 -30.62
CA LEU B 147 -6.70 6.13 -31.15
C LEU B 147 -7.65 5.26 -31.91
N ALA B 148 -8.93 5.36 -31.58
CA ALA B 148 -10.00 4.64 -32.26
C ALA B 148 -10.86 5.72 -32.91
N THR B 149 -10.92 5.78 -34.27
CA THR B 149 -11.59 6.87 -34.97
C THR B 149 -12.59 6.41 -36.02
N GLY B 150 -13.49 7.32 -36.37
CA GLY B 150 -14.49 7.16 -37.41
C GLY B 150 -15.52 6.08 -37.19
N PHE B 151 -15.88 5.79 -35.92
CA PHE B 151 -16.90 4.76 -35.65
C PHE B 151 -18.27 5.38 -35.41
N TYR B 152 -19.29 4.60 -35.74
CA TYR B 152 -20.70 4.96 -35.55
C TYR B 152 -21.55 3.66 -35.46
N PRO B 153 -22.39 3.46 -34.41
CA PRO B 153 -22.69 4.35 -33.27
C PRO B 153 -21.51 4.53 -32.29
N ASP B 154 -21.63 5.46 -31.33
CA ASP B 154 -20.59 5.88 -30.38
C ASP B 154 -20.21 4.85 -29.29
N HIS B 155 -20.69 3.59 -29.36
CA HIS B 155 -20.50 2.55 -28.35
C HIS B 155 -19.27 1.62 -28.65
N VAL B 156 -18.17 1.84 -27.91
CA VAL B 156 -16.96 1.01 -27.98
C VAL B 156 -16.43 0.75 -26.58
N GLU B 157 -15.68 -0.33 -26.42
CA GLU B 157 -14.99 -0.65 -25.16
C GLU B 157 -13.53 -0.85 -25.52
N LEU B 158 -12.65 -0.04 -24.94
CA LEU B 158 -11.21 -0.10 -25.21
C LEU B 158 -10.47 -0.75 -24.03
N SER B 159 -9.58 -1.72 -24.32
CA SER B 159 -8.75 -2.40 -23.31
C SER B 159 -7.32 -2.59 -23.82
N TRP B 160 -6.36 -2.72 -22.91
CA TRP B 160 -4.96 -2.92 -23.28
C TRP B 160 -4.53 -4.30 -22.88
N TRP B 161 -3.72 -4.93 -23.73
CA TRP B 161 -3.25 -6.30 -23.54
C TRP B 161 -1.75 -6.35 -23.75
N VAL B 162 -1.04 -6.73 -22.69
CA VAL B 162 0.42 -6.85 -22.68
C VAL B 162 0.78 -8.33 -22.53
N ASN B 163 1.56 -8.85 -23.51
CA ASN B 163 1.98 -10.24 -23.59
C ASN B 163 0.77 -11.18 -23.44
N GLY B 164 -0.34 -10.78 -24.06
CA GLY B 164 -1.57 -11.56 -24.12
C GLY B 164 -2.45 -11.59 -22.87
N LYS B 165 -2.15 -10.72 -21.89
CA LYS B 165 -2.88 -10.57 -20.62
C LYS B 165 -3.40 -9.15 -20.51
N GLU B 166 -4.63 -8.98 -20.08
CA GLU B 166 -5.19 -7.62 -19.95
C GLU B 166 -4.54 -6.87 -18.82
N VAL B 167 -4.22 -5.58 -19.06
CA VAL B 167 -3.60 -4.79 -18.01
C VAL B 167 -4.51 -3.62 -17.63
N HIS B 168 -4.35 -3.16 -16.38
CA HIS B 168 -5.12 -2.03 -15.81
C HIS B 168 -4.15 -0.98 -15.28
N SER B 169 -3.00 -1.38 -14.72
CA SER B 169 -2.02 -0.40 -14.29
C SER B 169 -1.51 0.40 -15.51
N GLY B 170 -1.33 1.71 -15.31
CA GLY B 170 -0.84 2.62 -16.35
C GLY B 170 -1.84 2.95 -17.44
N VAL B 171 -3.10 2.45 -17.34
CA VAL B 171 -4.14 2.66 -18.35
C VAL B 171 -5.02 3.85 -17.96
N CYS B 172 -5.28 4.74 -18.93
CA CYS B 172 -6.11 5.92 -18.74
CA CYS B 172 -6.16 5.87 -18.71
C CYS B 172 -6.87 6.15 -20.03
N THR B 173 -8.21 6.26 -19.98
CA THR B 173 -9.03 6.33 -21.18
C THR B 173 -9.97 7.54 -21.15
N ASP B 174 -10.27 8.08 -22.33
CA ASP B 174 -11.18 9.23 -22.45
C ASP B 174 -12.49 8.93 -21.74
N PRO B 175 -13.10 9.93 -21.03
CA PRO B 175 -14.37 9.67 -20.35
C PRO B 175 -15.45 9.12 -21.31
N GLN B 176 -15.56 9.76 -22.46
CA GLN B 176 -16.56 9.45 -23.47
C GLN B 176 -15.96 9.64 -24.85
N PRO B 177 -16.54 9.06 -25.94
CA PRO B 177 -16.05 9.37 -27.29
C PRO B 177 -16.31 10.83 -27.64
N LEU B 178 -15.47 11.33 -28.52
CA LEU B 178 -15.41 12.69 -29.02
C LEU B 178 -16.20 12.71 -30.33
N LYS B 179 -17.12 13.69 -30.51
CA LYS B 179 -17.86 13.81 -31.75
C LYS B 179 -16.87 14.40 -32.77
N GLU B 180 -16.55 13.66 -33.84
CA GLU B 180 -15.56 14.13 -34.84
C GLU B 180 -15.99 15.45 -35.53
N GLN B 181 -17.28 15.59 -35.82
CA GLN B 181 -17.81 16.82 -36.40
C GLN B 181 -18.94 17.26 -35.48
N PRO B 182 -18.68 17.96 -34.35
CA PRO B 182 -19.79 18.35 -33.43
C PRO B 182 -21.00 19.04 -34.06
N ALA B 183 -20.82 19.81 -35.17
CA ALA B 183 -21.92 20.53 -35.83
C ALA B 183 -22.75 19.63 -36.77
N LEU B 184 -22.27 18.42 -37.09
CA LEU B 184 -22.96 17.51 -38.00
C LEU B 184 -23.78 16.46 -37.27
N ASN B 185 -25.05 16.24 -37.68
CA ASN B 185 -25.93 15.22 -37.07
C ASN B 185 -25.42 13.80 -37.35
N ASP B 186 -24.78 13.60 -38.50
CA ASP B 186 -24.24 12.31 -38.92
C ASP B 186 -22.74 12.20 -38.61
N SER B 187 -22.27 12.90 -37.55
CA SER B 187 -20.87 12.79 -37.16
C SER B 187 -20.53 11.38 -36.68
N ARG B 188 -19.30 10.97 -36.95
CA ARG B 188 -18.74 9.72 -36.46
C ARG B 188 -18.00 10.08 -35.17
N TYR B 189 -17.45 9.09 -34.47
CA TYR B 189 -16.81 9.32 -33.16
C TYR B 189 -15.37 8.84 -33.11
N ALA B 190 -14.65 9.32 -32.08
CA ALA B 190 -13.26 8.94 -31.82
C ALA B 190 -13.09 8.76 -30.33
N LEU B 191 -12.12 7.93 -29.94
CA LEU B 191 -11.81 7.70 -28.53
C LEU B 191 -10.34 7.39 -28.43
N SER B 192 -9.70 7.88 -27.36
CA SER B 192 -8.28 7.65 -27.13
C SER B 192 -8.05 7.08 -25.76
N SER B 193 -6.91 6.40 -25.63
CA SER B 193 -6.49 5.80 -24.40
C SER B 193 -4.99 5.80 -24.37
N ARG B 194 -4.46 5.70 -23.20
CA ARG B 194 -3.03 5.66 -22.92
C ARG B 194 -2.68 4.47 -22.10
N LEU B 195 -1.49 3.92 -22.34
CA LEU B 195 -0.88 2.90 -21.53
C LEU B 195 0.53 3.34 -21.21
N ARG B 196 0.80 3.55 -19.93
CA ARG B 196 2.15 3.94 -19.48
C ARG B 196 2.83 2.79 -18.79
N VAL B 197 4.06 2.53 -19.22
CA VAL B 197 4.92 1.50 -18.65
C VAL B 197 6.28 2.13 -18.34
N SER B 198 7.15 1.38 -17.66
CA SER B 198 8.52 1.85 -17.47
C SER B 198 9.21 1.86 -18.84
N ALA B 199 10.21 2.74 -19.03
CA ALA B 199 10.99 2.75 -20.26
C ALA B 199 11.74 1.39 -20.41
N THR B 200 12.14 0.75 -19.29
CA THR B 200 12.86 -0.55 -19.32
C THR B 200 11.97 -1.65 -19.92
N PHE B 201 10.68 -1.63 -19.56
CA PHE B 201 9.75 -2.63 -20.08
C PHE B 201 9.47 -2.37 -21.57
N TRP B 202 9.30 -1.08 -21.95
CA TRP B 202 9.06 -0.69 -23.35
C TRP B 202 10.25 -1.04 -24.24
N GLN B 203 11.48 -0.90 -23.73
CA GLN B 203 12.68 -1.13 -24.52
C GLN B 203 13.07 -2.60 -24.61
N ASN B 204 12.19 -3.52 -24.21
CA ASN B 204 12.41 -4.94 -24.37
C ASN B 204 11.70 -5.38 -25.68
N PRO B 205 12.47 -5.78 -26.71
CA PRO B 205 11.86 -6.22 -27.98
C PRO B 205 10.94 -7.46 -27.87
N ARG B 206 11.01 -8.19 -26.75
CA ARG B 206 10.19 -9.38 -26.46
C ARG B 206 8.79 -8.99 -25.93
N ASN B 207 8.58 -7.71 -25.53
CA ASN B 207 7.27 -7.31 -25.00
C ASN B 207 6.32 -6.91 -26.12
N HIS B 208 5.06 -7.32 -26.00
CA HIS B 208 3.98 -7.13 -26.97
C HIS B 208 2.86 -6.29 -26.36
N PHE B 209 2.49 -5.21 -27.03
CA PHE B 209 1.46 -4.27 -26.58
C PHE B 209 0.36 -4.24 -27.58
N ARG B 210 -0.88 -4.37 -27.14
CA ARG B 210 -2.03 -4.36 -28.06
C ARG B 210 -3.19 -3.59 -27.48
N CYS B 211 -3.74 -2.67 -28.29
CA CYS B 211 -4.89 -1.93 -27.88
CA CYS B 211 -4.91 -1.98 -27.79
C CYS B 211 -6.08 -2.57 -28.55
N GLN B 212 -7.07 -3.02 -27.78
CA GLN B 212 -8.22 -3.72 -28.29
C GLN B 212 -9.45 -2.85 -28.20
N VAL B 213 -10.25 -2.81 -29.28
CA VAL B 213 -11.44 -1.95 -29.28
C VAL B 213 -12.63 -2.79 -29.69
N GLN B 214 -13.52 -3.07 -28.72
CA GLN B 214 -14.73 -3.83 -29.03
C GLN B 214 -15.77 -2.85 -29.52
N PHE B 215 -16.42 -3.19 -30.61
CA PHE B 215 -17.45 -2.38 -31.25
C PHE B 215 -18.72 -3.17 -31.42
N TYR B 216 -19.84 -2.56 -31.04
CA TYR B 216 -21.17 -3.19 -31.18
C TYR B 216 -21.77 -2.68 -32.44
N GLY B 217 -21.99 -3.60 -33.35
CA GLY B 217 -22.49 -3.27 -34.68
C GLY B 217 -23.69 -4.10 -35.09
N LEU B 218 -23.70 -4.50 -36.33
CA LEU B 218 -24.80 -5.23 -36.95
C LEU B 218 -24.87 -6.69 -36.48
N SER B 219 -26.08 -7.27 -36.56
CA SER B 219 -26.29 -8.67 -36.15
C SER B 219 -26.00 -9.56 -37.32
N GLU B 220 -25.89 -10.87 -37.08
CA GLU B 220 -25.66 -11.82 -38.18
C GLU B 220 -26.83 -11.82 -39.18
N ASN B 221 -28.07 -11.67 -38.68
CA ASN B 221 -29.33 -11.64 -39.47
C ASN B 221 -29.46 -10.41 -40.39
N ASP B 222 -28.88 -9.26 -40.02
CA ASP B 222 -28.91 -8.01 -40.77
C ASP B 222 -28.38 -8.14 -42.20
N GLU B 223 -28.99 -7.39 -43.13
CA GLU B 223 -28.67 -7.34 -44.57
C GLU B 223 -27.42 -6.48 -44.82
N TRP B 224 -26.56 -6.88 -45.78
CA TRP B 224 -25.37 -6.11 -46.15
C TRP B 224 -25.05 -6.23 -47.63
N THR B 225 -25.02 -5.07 -48.32
CA THR B 225 -24.80 -4.98 -49.76
C THR B 225 -23.48 -4.26 -50.16
N GLN B 226 -22.80 -3.57 -49.23
CA GLN B 226 -21.57 -2.83 -49.54
C GLN B 226 -20.36 -3.73 -49.81
N ASP B 227 -19.34 -3.17 -50.50
CA ASP B 227 -18.08 -3.86 -50.78
C ASP B 227 -17.27 -4.02 -49.51
N ARG B 228 -17.30 -3.00 -48.63
CA ARG B 228 -16.56 -3.07 -47.35
C ARG B 228 -17.14 -4.19 -46.48
N ALA B 229 -16.31 -4.68 -45.55
CA ALA B 229 -16.69 -5.74 -44.63
C ALA B 229 -17.89 -5.30 -43.79
N LYS B 230 -18.90 -6.20 -43.65
CA LYS B 230 -20.11 -5.97 -42.87
C LYS B 230 -19.70 -5.53 -41.46
N PRO B 231 -20.18 -4.34 -40.99
CA PRO B 231 -19.70 -3.85 -39.68
C PRO B 231 -20.47 -4.50 -38.53
N VAL B 232 -20.25 -5.82 -38.34
CA VAL B 232 -20.87 -6.57 -37.24
C VAL B 232 -20.17 -6.24 -35.96
N THR B 233 -20.70 -6.72 -34.81
CA THR B 233 -20.00 -6.61 -33.53
C THR B 233 -18.67 -7.30 -33.70
N GLN B 234 -17.57 -6.62 -33.33
CA GLN B 234 -16.24 -7.16 -33.57
C GLN B 234 -15.23 -6.50 -32.69
N ILE B 235 -14.01 -7.04 -32.72
CA ILE B 235 -12.86 -6.46 -32.07
C ILE B 235 -11.90 -5.95 -33.16
N VAL B 236 -11.49 -4.68 -33.03
CA VAL B 236 -10.47 -4.03 -33.89
C VAL B 236 -9.29 -3.71 -32.99
N SER B 237 -8.09 -4.16 -33.36
CA SER B 237 -6.89 -3.93 -32.54
C SER B 237 -5.76 -3.25 -33.28
N ALA B 238 -4.82 -2.68 -32.52
CA ALA B 238 -3.57 -2.15 -33.08
C ALA B 238 -2.47 -2.62 -32.15
N GLU B 239 -1.30 -2.88 -32.66
CA GLU B 239 -0.26 -3.45 -31.80
C GLU B 239 1.10 -2.95 -32.08
N ALA B 240 2.01 -3.14 -31.11
CA ALA B 240 3.40 -2.75 -31.25
C ALA B 240 4.25 -3.65 -30.40
N TRP B 241 5.46 -3.92 -30.86
CA TRP B 241 6.47 -4.65 -30.09
C TRP B 241 7.38 -3.66 -29.41
N GLY B 242 7.98 -4.03 -28.28
CA GLY B 242 8.96 -3.18 -27.62
C GLY B 242 10.11 -2.85 -28.56
N ARG B 243 10.79 -1.72 -28.31
CA ARG B 243 11.83 -1.21 -29.19
C ARG B 243 13.09 -0.93 -28.38
N ALA B 244 14.16 -1.70 -28.64
CA ALA B 244 15.43 -1.59 -27.91
C ALA B 244 16.16 -0.26 -28.17
N ASP B 245 15.94 0.37 -29.36
CA ASP B 245 16.56 1.64 -29.70
C ASP B 245 15.59 2.80 -29.49
N GLN C 4 33.64 -30.21 27.30
CA GLN C 4 32.22 -30.06 26.98
C GLN C 4 32.03 -29.10 25.80
N LYS C 5 31.02 -29.38 24.94
CA LYS C 5 30.71 -28.54 23.80
C LYS C 5 29.23 -28.59 23.50
N VAL C 6 28.67 -27.43 23.24
CA VAL C 6 27.27 -27.30 22.86
C VAL C 6 27.26 -26.57 21.54
N THR C 7 26.59 -27.17 20.55
CA THR C 7 26.50 -26.68 19.19
C THR C 7 25.06 -26.36 18.79
N GLN C 8 24.82 -25.07 18.50
CA GLN C 8 23.58 -24.53 17.95
C GLN C 8 23.98 -23.99 16.58
N ALA C 9 23.87 -24.84 15.55
CA ALA C 9 24.34 -24.53 14.18
C ALA C 9 23.53 -23.42 13.49
N GLN C 10 22.24 -23.29 13.83
CA GLN C 10 21.36 -22.26 13.25
C GLN C 10 21.55 -20.94 13.96
N SER C 11 21.94 -19.87 13.24
CA SER C 11 22.13 -18.56 13.86
CA SER C 11 22.13 -18.56 13.85
C SER C 11 20.79 -17.85 14.05
N SER C 12 19.87 -18.01 13.08
CA SER C 12 18.56 -17.37 13.08
CA SER C 12 18.56 -17.36 13.06
C SER C 12 17.52 -18.23 12.38
N VAL C 13 16.24 -18.14 12.86
CA VAL C 13 15.12 -18.92 12.34
C VAL C 13 13.91 -17.99 12.34
N SER C 14 13.07 -18.04 11.28
CA SER C 14 11.82 -17.25 11.18
C SER C 14 10.65 -18.19 11.12
N MET C 15 9.57 -17.88 11.86
CA MET C 15 8.36 -18.70 11.86
C MET C 15 7.15 -17.84 12.21
N PRO C 16 6.04 -18.03 11.50
CA PRO C 16 4.84 -17.23 11.80
C PRO C 16 4.15 -17.66 13.09
N VAL C 17 3.35 -16.73 13.65
CA VAL C 17 2.53 -16.98 14.83
C VAL C 17 1.64 -18.20 14.60
N ARG C 18 1.22 -18.82 15.75
CA ARG C 18 0.32 -19.98 15.89
CA ARG C 18 0.30 -19.98 15.81
C ARG C 18 0.96 -21.28 15.38
N LYS C 19 2.10 -21.21 14.70
CA LYS C 19 2.80 -22.41 14.21
C LYS C 19 3.73 -22.91 15.31
N ALA C 20 4.41 -24.05 15.08
CA ALA C 20 5.42 -24.56 16.00
C ALA C 20 6.79 -24.35 15.37
N VAL C 21 7.84 -24.32 16.20
CA VAL C 21 9.21 -24.21 15.67
C VAL C 21 10.11 -25.15 16.48
N THR C 22 11.09 -25.77 15.82
CA THR C 22 12.05 -26.65 16.50
C THR C 22 13.42 -26.00 16.37
N LEU C 23 14.13 -25.87 17.52
CA LEU C 23 15.47 -25.27 17.57
C LEU C 23 16.44 -26.35 17.95
N ASN C 24 17.38 -26.63 17.06
CA ASN C 24 18.30 -27.73 17.22
C ASN C 24 19.45 -27.45 18.18
N CYS C 25 19.90 -28.52 18.82
CA CYS C 25 21.04 -28.45 19.71
C CYS C 25 21.73 -29.78 19.75
N LEU C 26 23.03 -29.76 19.57
CA LEU C 26 23.89 -30.95 19.64
C LEU C 26 24.93 -30.72 20.68
N TYR C 27 25.21 -31.74 21.48
CA TYR C 27 26.22 -31.53 22.51
C TYR C 27 27.25 -32.64 22.52
N GLU C 28 28.37 -32.39 23.19
CA GLU C 28 29.41 -33.39 23.37
C GLU C 28 29.81 -33.35 24.83
N THR C 29 29.78 -34.51 25.49
CA THR C 29 30.15 -34.61 26.91
C THR C 29 30.72 -35.97 27.24
N SER C 30 31.70 -36.01 28.15
CA SER C 30 32.31 -37.24 28.63
C SER C 30 31.60 -37.69 29.94
N TRP C 31 30.69 -36.86 30.45
CA TRP C 31 29.97 -37.15 31.69
C TRP C 31 28.77 -38.06 31.43
N TRP C 32 28.46 -38.91 32.41
CA TRP C 32 27.37 -39.90 32.33
C TRP C 32 26.04 -39.31 32.88
N SER C 33 26.11 -38.48 33.91
CA SER C 33 24.94 -37.83 34.48
C SER C 33 25.02 -36.33 34.23
N TYR C 34 23.98 -35.74 33.65
CA TYR C 34 23.98 -34.31 33.33
C TYR C 34 22.61 -33.81 33.04
N TYR C 35 22.52 -32.50 32.80
CA TYR C 35 21.29 -31.86 32.40
C TYR C 35 21.51 -31.02 31.19
N ILE C 36 20.45 -30.88 30.41
CA ILE C 36 20.38 -29.98 29.29
C ILE C 36 19.34 -28.95 29.69
N PHE C 37 19.68 -27.68 29.56
CA PHE C 37 18.77 -26.58 29.79
C PHE C 37 18.54 -25.78 28.57
N TRP C 38 17.33 -25.23 28.43
CA TRP C 38 17.00 -24.25 27.40
C TRP C 38 16.65 -22.96 28.11
N TYR C 39 17.30 -21.88 27.70
CA TYR C 39 17.05 -20.52 28.17
C TYR C 39 16.71 -19.61 27.01
N LYS C 40 15.98 -18.56 27.29
CA LYS C 40 15.85 -17.53 26.28
C LYS C 40 16.41 -16.24 26.87
N GLN C 41 17.15 -15.52 26.05
CA GLN C 41 17.72 -14.25 26.44
C GLN C 41 16.89 -13.14 25.85
N LEU C 42 16.36 -12.28 26.73
CA LEU C 42 15.49 -11.16 26.38
C LEU C 42 16.32 -9.95 25.95
N PRO C 43 15.72 -8.88 25.34
CA PRO C 43 16.52 -7.72 24.89
C PRO C 43 17.31 -7.03 26.00
N SER C 44 16.83 -7.14 27.25
CA SER C 44 17.49 -6.62 28.45
C SER C 44 18.78 -7.42 28.75
N LYS C 45 18.95 -8.58 28.08
CA LYS C 45 20.04 -9.57 28.22
C LYS C 45 19.75 -10.52 29.42
N GLU C 46 18.56 -10.38 30.03
CA GLU C 46 18.05 -11.25 31.11
C GLU C 46 17.85 -12.67 30.57
N MET C 47 18.21 -13.67 31.38
CA MET C 47 18.11 -15.10 31.05
C MET C 47 16.86 -15.70 31.66
N ILE C 48 15.99 -16.25 30.82
CA ILE C 48 14.73 -16.85 31.27
C ILE C 48 14.74 -18.33 31.07
N PHE C 49 14.52 -19.07 32.17
CA PHE C 49 14.44 -20.53 32.16
C PHE C 49 13.27 -20.98 31.33
N LEU C 50 13.48 -21.99 30.47
CA LEU C 50 12.37 -22.56 29.68
C LEU C 50 12.09 -23.99 30.12
N ILE C 51 13.12 -24.84 30.08
CA ILE C 51 12.94 -26.25 30.37
C ILE C 51 14.27 -26.93 30.70
N ARG C 52 14.20 -28.01 31.49
CA ARG C 52 15.38 -28.81 31.80
C ARG C 52 15.13 -30.24 31.37
N GLN C 53 16.10 -30.84 30.69
CA GLN C 53 16.08 -32.25 30.28
C GLN C 53 17.19 -33.03 31.03
N GLY C 54 16.79 -34.03 31.82
CA GLY C 54 17.72 -34.91 32.53
C GLY C 54 18.27 -35.98 31.61
N SER C 55 19.55 -36.35 31.81
CA SER C 55 20.23 -37.37 30.99
C SER C 55 19.60 -38.75 31.15
N ASP C 56 18.90 -38.99 32.28
CA ASP C 56 18.30 -40.29 32.54
C ASP C 56 16.75 -40.23 32.51
N GLU C 57 16.20 -39.14 31.96
CA GLU C 57 14.76 -38.91 31.93
C GLU C 57 14.15 -39.07 30.54
N GLN C 58 12.81 -39.21 30.51
CA GLN C 58 12.01 -39.22 29.30
C GLN C 58 11.93 -37.79 28.78
N ASN C 59 11.41 -37.58 27.56
CA ASN C 59 11.27 -36.25 26.94
C ASN C 59 10.62 -35.22 27.87
N ALA C 60 11.33 -34.08 28.11
CA ALA C 60 10.83 -33.04 29.00
C ALA C 60 9.68 -32.24 28.37
N LYS C 61 8.82 -31.73 29.24
CA LYS C 61 7.69 -30.88 28.92
C LYS C 61 7.48 -29.85 30.06
N SER C 62 7.29 -28.57 29.68
CA SER C 62 7.03 -27.46 30.61
C SER C 62 6.39 -26.35 29.81
N GLY C 63 5.14 -26.01 30.17
CA GLY C 63 4.36 -25.01 29.45
C GLY C 63 4.26 -25.38 27.97
N ARG C 64 4.64 -24.45 27.10
CA ARG C 64 4.60 -24.64 25.65
C ARG C 64 5.90 -25.23 25.10
N TYR C 65 6.83 -25.59 25.97
CA TYR C 65 8.11 -26.15 25.56
C TYR C 65 8.18 -27.66 25.72
N SER C 66 8.85 -28.30 24.80
CA SER C 66 9.11 -29.73 24.86
C SER C 66 10.48 -30.04 24.28
N VAL C 67 11.09 -31.12 24.75
CA VAL C 67 12.40 -31.51 24.25
C VAL C 67 12.32 -32.88 23.60
N ASN C 68 12.92 -33.03 22.42
CA ASN C 68 13.02 -34.33 21.78
C ASN C 68 14.42 -34.82 22.08
N PHE C 69 14.54 -35.61 23.15
CA PHE C 69 15.83 -36.06 23.63
C PHE C 69 16.27 -37.33 22.94
N LYS C 70 17.25 -37.20 22.05
CA LYS C 70 17.88 -38.31 21.34
C LYS C 70 19.25 -38.50 22.00
N LYS C 71 19.30 -39.26 23.10
CA LYS C 71 20.50 -39.46 23.93
C LYS C 71 21.70 -40.01 23.14
N ALA C 72 21.51 -41.08 22.32
CA ALA C 72 22.61 -41.66 21.55
C ALA C 72 23.22 -40.63 20.60
N ALA C 73 22.35 -39.81 19.95
CA ALA C 73 22.77 -38.77 19.02
C ALA C 73 23.26 -37.51 19.73
N LYS C 74 23.09 -37.44 21.08
CA LYS C 74 23.41 -36.27 21.90
C LYS C 74 22.74 -35.03 21.24
N SER C 75 21.43 -35.19 20.93
CA SER C 75 20.56 -34.21 20.28
C SER C 75 19.44 -33.89 21.21
N VAL C 76 19.12 -32.61 21.35
CA VAL C 76 18.16 -32.21 22.36
C VAL C 76 17.38 -30.97 21.87
N ALA C 77 16.75 -31.13 20.70
CA ALA C 77 15.99 -30.08 20.04
C ALA C 77 14.82 -29.60 20.90
N LEU C 78 14.65 -28.28 20.97
CA LEU C 78 13.52 -27.67 21.67
C LEU C 78 12.42 -27.36 20.66
N THR C 79 11.19 -27.75 21.00
CA THR C 79 10.02 -27.37 20.19
C THR C 79 9.16 -26.43 21.01
N ILE C 80 8.82 -25.28 20.38
CA ILE C 80 7.94 -24.29 20.99
C ILE C 80 6.63 -24.38 20.23
N SER C 81 5.55 -24.69 20.92
CA SER C 81 4.27 -24.82 20.24
C SER C 81 3.48 -23.51 20.33
N ALA C 82 2.50 -23.34 19.42
CA ALA C 82 1.58 -22.18 19.35
C ALA C 82 2.33 -20.84 19.58
N LEU C 83 3.22 -20.54 18.63
CA LEU C 83 4.08 -19.36 18.67
C LEU C 83 3.31 -18.04 18.78
N GLN C 84 3.83 -17.16 19.64
CA GLN C 84 3.29 -15.83 19.87
C GLN C 84 4.39 -14.81 19.66
N LEU C 85 4.04 -13.54 19.36
CA LEU C 85 5.03 -12.47 19.12
C LEU C 85 6.02 -12.34 20.28
N GLU C 86 5.58 -12.60 21.54
CA GLU C 86 6.48 -12.50 22.70
C GLU C 86 7.62 -13.56 22.65
N ASP C 87 7.46 -14.65 21.86
CA ASP C 87 8.52 -15.69 21.75
C ASP C 87 9.77 -15.24 20.92
N SER C 88 9.73 -14.08 20.25
CA SER C 88 10.89 -13.56 19.50
C SER C 88 12.00 -13.22 20.50
N ALA C 89 13.11 -13.96 20.44
CA ALA C 89 14.23 -13.83 21.38
C ALA C 89 15.39 -14.72 20.92
N LYS C 90 16.51 -14.66 21.64
CA LYS C 90 17.65 -15.52 21.36
C LYS C 90 17.57 -16.71 22.33
N TYR C 91 17.58 -17.92 21.79
CA TYR C 91 17.42 -19.15 22.59
C TYR C 91 18.74 -19.87 22.75
N PHE C 92 19.07 -20.19 23.98
CA PHE C 92 20.31 -20.89 24.31
C PHE C 92 20.09 -22.29 24.86
N CYS C 93 20.89 -23.21 24.34
CA CYS C 93 20.94 -24.57 24.79
C CYS C 93 22.19 -24.68 25.67
N ALA C 94 22.08 -25.27 26.84
CA ALA C 94 23.20 -25.37 27.74
C ALA C 94 23.29 -26.74 28.35
N LEU C 95 24.51 -27.18 28.63
CA LEU C 95 24.79 -28.47 29.22
C LEU C 95 25.38 -28.21 30.58
N GLY C 96 24.70 -28.73 31.58
CA GLY C 96 25.09 -28.55 32.96
C GLY C 96 25.56 -29.82 33.60
N VAL C 97 26.80 -29.74 34.12
CA VAL C 97 27.54 -30.76 34.85
C VAL C 97 27.97 -30.09 36.17
N THR C 98 27.50 -30.63 37.32
CA THR C 98 27.75 -30.14 38.70
C THR C 98 27.49 -28.62 38.81
N GLY C 99 26.38 -28.16 38.24
CA GLY C 99 25.99 -26.76 38.25
C GLY C 99 26.66 -25.86 37.20
N LYS C 100 27.87 -26.26 36.73
CA LYS C 100 28.66 -25.51 35.73
C LYS C 100 28.04 -25.67 34.37
N LEU C 101 27.64 -24.55 33.71
CA LEU C 101 27.02 -24.65 32.38
C LEU C 101 27.99 -24.31 31.22
N THR C 102 27.82 -25.07 30.13
CA THR C 102 28.44 -24.85 28.84
C THR C 102 27.30 -24.49 27.93
N PHE C 103 27.35 -23.32 27.30
CA PHE C 103 26.30 -22.79 26.43
C PHE C 103 26.60 -22.93 24.97
N GLY C 104 25.56 -23.02 24.16
CA GLY C 104 25.71 -22.97 22.72
C GLY C 104 25.78 -21.50 22.31
N GLN C 105 25.92 -21.23 20.98
CA GLN C 105 26.01 -19.87 20.45
C GLN C 105 24.66 -19.14 20.45
N GLY C 106 23.59 -19.89 20.60
CA GLY C 106 22.26 -19.31 20.63
C GLY C 106 21.69 -19.18 19.24
N THR C 107 20.36 -19.22 19.16
CA THR C 107 19.62 -19.10 17.90
C THR C 107 18.60 -17.99 18.05
N ILE C 108 18.65 -17.01 17.15
CA ILE C 108 17.69 -15.90 17.22
C ILE C 108 16.40 -16.29 16.48
N LEU C 109 15.33 -16.49 17.22
CA LEU C 109 14.02 -16.80 16.64
C LEU C 109 13.24 -15.50 16.49
N THR C 110 12.73 -15.25 15.25
CA THR C 110 11.85 -14.12 14.97
C THR C 110 10.47 -14.72 14.67
N VAL C 111 9.45 -14.33 15.47
CA VAL C 111 8.07 -14.77 15.24
C VAL C 111 7.42 -13.70 14.37
N HIS C 112 6.83 -14.12 13.26
CA HIS C 112 6.29 -13.19 12.30
C HIS C 112 4.78 -13.19 12.26
N PRO C 113 4.15 -12.05 11.88
CA PRO C 113 2.69 -12.07 11.73
C PRO C 113 2.26 -12.96 10.58
N ASN C 114 1.01 -13.41 10.60
CA ASN C 114 0.50 -14.20 9.47
C ASN C 114 0.15 -13.21 8.37
N ILE C 115 0.87 -13.27 7.24
CA ILE C 115 0.63 -12.36 6.12
C ILE C 115 -0.09 -13.17 5.06
N GLN C 116 -1.41 -13.01 4.99
CA GLN C 116 -2.18 -13.80 4.02
C GLN C 116 -1.95 -13.31 2.57
N ASN C 117 -1.76 -12.00 2.36
CA ASN C 117 -1.53 -11.45 1.03
C ASN C 117 -0.26 -10.62 1.03
N PRO C 118 0.91 -11.27 0.85
CA PRO C 118 2.16 -10.49 0.81
C PRO C 118 2.13 -9.52 -0.36
N ASP C 119 2.71 -8.34 -0.15
CA ASP C 119 2.72 -7.31 -1.19
C ASP C 119 4.14 -6.73 -1.21
N PRO C 120 5.20 -7.54 -1.45
CA PRO C 120 6.57 -7.02 -1.30
C PRO C 120 6.84 -5.84 -2.18
N ALA C 121 7.44 -4.80 -1.59
CA ALA C 121 7.67 -3.54 -2.27
C ALA C 121 8.82 -2.77 -1.65
N VAL C 122 9.51 -1.94 -2.48
CA VAL C 122 10.63 -1.12 -2.02
C VAL C 122 10.22 0.34 -2.27
N TYR C 123 10.09 1.09 -1.18
CA TYR C 123 9.67 2.49 -1.24
C TYR C 123 10.81 3.43 -0.95
N GLN C 124 10.87 4.52 -1.75
CA GLN C 124 11.84 5.61 -1.60
C GLN C 124 11.17 6.62 -0.69
N LEU C 125 11.81 6.91 0.45
CA LEU C 125 11.24 7.86 1.38
C LEU C 125 11.74 9.28 1.11
N ARG C 126 10.94 10.28 1.52
CA ARG C 126 11.32 11.69 1.38
C ARG C 126 12.51 11.97 2.28
N ASP C 127 13.48 12.75 1.79
CA ASP C 127 14.67 13.08 2.58
C ASP C 127 14.27 13.95 3.77
N SER C 128 14.85 13.66 4.94
CA SER C 128 14.63 14.43 6.16
C SER C 128 15.35 15.76 5.99
N LYS C 129 14.78 16.86 6.52
CA LYS C 129 15.41 18.20 6.47
C LYS C 129 16.46 18.31 7.57
N SER C 130 16.53 17.30 8.45
CA SER C 130 17.43 17.20 9.60
C SER C 130 18.55 16.14 9.40
N SER C 131 18.57 15.43 8.24
CA SER C 131 19.56 14.38 7.98
C SER C 131 20.02 14.38 6.52
N ASP C 132 21.29 14.00 6.25
CA ASP C 132 21.80 13.88 4.87
C ASP C 132 21.60 12.41 4.33
N LYS C 133 20.89 11.58 5.08
CA LYS C 133 20.67 10.17 4.72
C LYS C 133 19.43 9.97 3.85
N SER C 134 19.60 9.16 2.80
CA SER C 134 18.48 8.77 1.94
CA SER C 134 18.51 8.76 1.92
C SER C 134 18.07 7.37 2.39
N VAL C 135 16.78 7.13 2.62
CA VAL C 135 16.29 5.86 3.16
C VAL C 135 15.37 5.13 2.19
N CYS C 136 15.54 3.79 2.11
CA CYS C 136 14.73 2.85 1.31
C CYS C 136 14.07 1.89 2.26
N LEU C 137 12.78 1.68 2.10
CA LEU C 137 12.03 0.75 2.91
C LEU C 137 11.59 -0.47 2.10
N PHE C 138 12.08 -1.66 2.43
CA PHE C 138 11.62 -2.91 1.83
C PHE C 138 10.52 -3.49 2.77
N THR C 139 9.24 -3.53 2.34
CA THR C 139 8.18 -3.92 3.27
C THR C 139 7.14 -4.86 2.64
N ASP C 140 6.30 -5.49 3.50
CA ASP C 140 5.19 -6.38 3.12
C ASP C 140 5.65 -7.65 2.41
N PHE C 141 6.87 -8.10 2.72
CA PHE C 141 7.39 -9.35 2.19
C PHE C 141 6.98 -10.47 3.17
N ASP C 142 7.12 -11.74 2.76
CA ASP C 142 6.74 -12.85 3.63
C ASP C 142 7.88 -13.24 4.58
N SER C 143 7.54 -14.01 5.64
CA SER C 143 8.41 -14.43 6.73
C SER C 143 9.70 -15.11 6.28
N GLN C 144 9.68 -15.77 5.14
CA GLN C 144 10.87 -16.52 4.73
C GLN C 144 11.87 -15.70 3.90
N THR C 145 11.59 -14.41 3.67
CA THR C 145 12.49 -13.51 2.94
C THR C 145 13.73 -13.27 3.77
N ASN C 146 14.90 -13.40 3.14
CA ASN C 146 16.20 -13.18 3.77
C ASN C 146 16.78 -11.92 3.22
N VAL C 147 17.08 -10.96 4.11
CA VAL C 147 17.62 -9.65 3.72
C VAL C 147 19.14 -9.69 3.91
N SER C 148 19.87 -9.62 2.81
CA SER C 148 21.35 -9.69 2.87
C SER C 148 21.96 -8.36 3.33
N GLN C 149 23.13 -8.46 3.98
CA GLN C 149 23.91 -7.32 4.43
C GLN C 149 24.48 -6.58 3.23
N SER C 150 24.82 -5.33 3.45
CA SER C 150 25.45 -4.50 2.44
C SER C 150 26.86 -5.00 2.12
N LYS C 151 27.30 -4.82 0.85
CA LYS C 151 28.66 -5.13 0.42
C LYS C 151 29.38 -3.80 0.05
N ASP C 152 28.94 -2.67 0.69
CA ASP C 152 29.49 -1.33 0.49
C ASP C 152 29.45 -0.62 1.83
N SER C 153 30.65 -0.23 2.37
CA SER C 153 30.78 0.42 3.67
C SER C 153 29.90 1.68 3.83
N ASP C 154 29.63 2.38 2.73
CA ASP C 154 28.84 3.61 2.75
C ASP C 154 27.31 3.35 2.60
N VAL C 155 26.90 2.08 2.61
CA VAL C 155 25.48 1.68 2.50
C VAL C 155 25.18 0.80 3.71
N TYR C 156 24.12 1.14 4.45
CA TYR C 156 23.73 0.39 5.63
C TYR C 156 22.43 -0.34 5.38
N ILE C 157 22.37 -1.63 5.69
CA ILE C 157 21.16 -2.42 5.47
C ILE C 157 20.87 -3.22 6.71
N THR C 158 19.67 -3.08 7.24
CA THR C 158 19.25 -3.78 8.46
C THR C 158 18.75 -5.18 8.13
N ASP C 159 18.62 -6.00 9.16
CA ASP C 159 17.97 -7.29 9.00
C ASP C 159 16.46 -7.00 9.01
N LYS C 160 15.62 -8.05 8.88
CA LYS C 160 14.19 -7.81 8.96
C LYS C 160 13.87 -7.58 10.43
N CYS C 161 12.91 -6.70 10.70
CA CYS C 161 12.61 -6.24 12.04
C CYS C 161 11.82 -7.27 12.87
N VAL C 162 11.77 -7.00 14.18
CA VAL C 162 11.02 -7.78 15.16
C VAL C 162 9.84 -6.95 15.61
N LEU C 163 8.63 -7.45 15.37
CA LEU C 163 7.43 -6.75 15.77
C LEU C 163 7.34 -6.57 17.27
N ASP C 164 6.87 -5.37 17.69
CA ASP C 164 6.61 -5.09 19.11
C ASP C 164 5.67 -6.22 19.59
N MET C 165 5.99 -6.89 20.70
CA MET C 165 5.18 -8.03 21.18
C MET C 165 3.72 -7.67 21.56
N ARG C 166 3.43 -6.38 21.81
CA ARG C 166 2.10 -5.89 22.19
C ARG C 166 1.36 -5.31 21.00
N SER C 167 1.96 -5.40 19.77
CA SER C 167 1.33 -4.88 18.58
C SER C 167 0.03 -5.61 18.30
N MET C 168 -1.00 -4.86 17.94
CA MET C 168 -2.31 -5.45 17.66
C MET C 168 -2.89 -4.87 16.37
N ASP C 169 -2.03 -4.26 15.52
CA ASP C 169 -2.45 -3.71 14.23
C ASP C 169 -1.26 -3.36 13.33
N PHE C 170 -1.53 -3.17 12.03
CA PHE C 170 -0.54 -2.74 11.00
C PHE C 170 0.76 -3.52 11.12
N LYS C 171 0.62 -4.85 11.24
CA LYS C 171 1.67 -5.83 11.40
C LYS C 171 2.26 -6.07 10.03
N SER C 172 3.58 -5.93 9.92
CA SER C 172 4.22 -6.09 8.62
C SER C 172 5.71 -6.35 8.79
N ASN C 173 6.27 -7.16 7.91
CA ASN C 173 7.72 -7.37 7.91
C ASN C 173 8.38 -6.27 7.12
N SER C 174 9.52 -5.74 7.59
CA SER C 174 10.25 -4.74 6.86
C SER C 174 11.76 -4.77 7.20
N ALA C 175 12.57 -4.16 6.33
CA ALA C 175 13.99 -3.88 6.46
C ALA C 175 14.19 -2.51 5.83
N VAL C 176 15.27 -1.85 6.20
CA VAL C 176 15.59 -0.50 5.71
CA VAL C 176 15.57 -0.55 5.60
C VAL C 176 17.02 -0.48 5.13
N ALA C 177 17.29 0.40 4.17
CA ALA C 177 18.64 0.61 3.64
C ALA C 177 18.82 2.11 3.54
N TRP C 178 19.96 2.59 4.00
CA TRP C 178 20.19 4.02 3.95
C TRP C 178 21.65 4.32 3.58
N SER C 179 21.88 5.52 3.04
CA SER C 179 23.18 5.97 2.59
C SER C 179 23.19 7.46 2.34
N ASN C 180 24.37 8.09 2.44
CA ASN C 180 24.51 9.48 2.08
C ASN C 180 25.24 9.59 0.71
N LYS C 181 25.55 8.44 0.05
CA LYS C 181 26.20 8.45 -1.27
C LYS C 181 25.35 9.18 -2.29
N SER C 182 25.96 9.98 -3.18
CA SER C 182 25.24 10.74 -4.20
C SER C 182 24.36 9.86 -5.14
N ASP C 183 24.88 8.69 -5.52
CA ASP C 183 24.34 7.70 -6.48
C ASP C 183 23.31 6.71 -5.90
N PHE C 184 23.08 6.72 -4.58
CA PHE C 184 22.20 5.76 -3.91
C PHE C 184 20.78 5.79 -4.43
N ALA C 185 20.27 4.63 -4.87
CA ALA C 185 18.91 4.50 -5.36
C ALA C 185 18.26 3.21 -4.79
N CYS C 186 16.96 3.31 -4.45
CA CYS C 186 16.19 2.19 -3.89
C CYS C 186 15.99 1.03 -4.86
N ALA C 187 16.00 1.32 -6.19
CA ALA C 187 15.81 0.29 -7.22
C ALA C 187 16.83 -0.84 -7.08
N ASN C 188 18.05 -0.52 -6.59
CA ASN C 188 19.18 -1.50 -6.52
C ASN C 188 19.71 -1.79 -5.11
N ALA C 189 19.19 -1.05 -4.09
CA ALA C 189 19.62 -1.12 -2.70
C ALA C 189 19.58 -2.55 -2.12
N PHE C 190 18.57 -3.33 -2.48
CA PHE C 190 18.42 -4.68 -1.95
C PHE C 190 18.79 -5.79 -2.94
N ASN C 191 19.63 -5.49 -3.96
CA ASN C 191 20.14 -6.42 -5.00
C ASN C 191 20.81 -7.68 -4.50
N ASN C 192 21.49 -7.58 -3.35
CA ASN C 192 22.22 -8.71 -2.76
C ASN C 192 21.25 -9.73 -2.13
N SER C 193 19.96 -9.38 -1.98
CA SER C 193 18.94 -10.28 -1.43
C SER C 193 18.21 -11.04 -2.56
N ILE C 194 17.71 -12.25 -2.28
CA ILE C 194 16.90 -12.99 -3.25
C ILE C 194 15.45 -12.63 -2.93
N ILE C 195 14.83 -11.87 -3.81
CA ILE C 195 13.49 -11.36 -3.50
C ILE C 195 12.45 -11.82 -4.53
N PRO C 196 11.13 -11.82 -4.18
CA PRO C 196 10.10 -12.26 -5.16
C PRO C 196 10.18 -11.49 -6.48
N GLU C 197 9.92 -12.20 -7.61
CA GLU C 197 9.97 -11.59 -8.95
C GLU C 197 8.90 -10.47 -9.08
N ASP C 198 7.83 -10.53 -8.25
CA ASP C 198 6.75 -9.56 -8.28
C ASP C 198 6.93 -8.41 -7.24
N THR C 199 8.12 -8.28 -6.60
CA THR C 199 8.37 -7.15 -5.74
C THR C 199 8.06 -5.83 -6.52
N PHE C 200 7.29 -4.95 -5.91
CA PHE C 200 6.87 -3.70 -6.51
C PHE C 200 7.92 -2.61 -6.31
N PHE C 201 8.37 -1.99 -7.39
CA PHE C 201 9.35 -0.89 -7.31
C PHE C 201 8.72 0.40 -7.90
N PRO C 202 7.97 1.21 -7.10
CA PRO C 202 7.34 2.40 -7.67
C PRO C 202 8.40 3.43 -8.07
N SER C 203 8.19 4.16 -9.21
CA SER C 203 9.09 5.19 -9.73
C SER C 203 9.52 6.20 -8.66
N ALA D 4 13.22 -15.60 46.63
CA ALA D 4 14.61 -15.93 46.36
C ALA D 4 15.01 -15.49 44.94
N VAL D 5 15.91 -14.49 44.85
CA VAL D 5 16.44 -13.93 43.60
C VAL D 5 17.90 -13.53 43.76
N VAL D 6 18.65 -13.56 42.66
CA VAL D 6 20.04 -13.13 42.69
C VAL D 6 20.10 -11.74 42.04
N SER D 7 20.70 -10.77 42.75
CA SER D 7 20.80 -9.38 42.29
C SER D 7 22.24 -8.97 42.07
N GLN D 8 22.54 -8.41 40.88
CA GLN D 8 23.87 -7.93 40.50
C GLN D 8 23.96 -6.43 40.54
N HIS D 9 25.12 -5.93 40.97
CA HIS D 9 25.37 -4.51 41.02
C HIS D 9 26.75 -4.18 40.43
N PRO D 10 26.86 -3.20 39.50
CA PRO D 10 25.77 -2.44 38.86
C PRO D 10 25.17 -3.18 37.66
N SER D 11 24.07 -2.68 37.09
CA SER D 11 23.47 -3.24 35.88
C SER D 11 24.29 -2.89 34.66
N ARG D 12 24.90 -1.68 34.69
CA ARG D 12 25.70 -1.09 33.63
C ARG D 12 26.76 -0.23 34.22
N VAL D 13 27.92 -0.17 33.58
CA VAL D 13 29.00 0.71 34.03
C VAL D 13 29.93 1.01 32.83
N ILE D 14 30.25 2.30 32.67
CA ILE D 14 31.21 2.81 31.70
C ILE D 14 32.40 3.24 32.52
N SER D 15 33.54 2.57 32.33
CA SER D 15 34.72 2.88 33.12
C SER D 15 35.91 3.26 32.26
N LYS D 16 36.83 4.07 32.83
CA LYS D 16 38.06 4.42 32.12
C LYS D 16 39.05 3.27 32.26
N SER D 17 39.88 3.06 31.24
CA SER D 17 40.97 2.08 31.26
C SER D 17 41.87 2.30 32.49
N GLY D 18 42.32 1.21 33.12
CA GLY D 18 43.21 1.26 34.26
C GLY D 18 42.54 1.35 35.61
N THR D 19 41.22 1.45 35.64
CA THR D 19 40.51 1.53 36.93
C THR D 19 40.14 0.13 37.41
N SER D 20 39.89 -0.02 38.73
CA SER D 20 39.45 -1.29 39.31
CA SER D 20 39.45 -1.29 39.31
C SER D 20 37.93 -1.28 39.31
N VAL D 21 37.31 -2.23 38.57
CA VAL D 21 35.85 -2.30 38.43
C VAL D 21 35.30 -3.48 39.23
N LYS D 22 34.51 -3.18 40.25
CA LYS D 22 33.92 -4.19 41.12
C LYS D 22 32.48 -4.48 40.71
N ILE D 23 32.17 -5.79 40.54
CA ILE D 23 30.84 -6.26 40.19
C ILE D 23 30.42 -7.18 41.32
N GLU D 24 29.20 -6.99 41.83
CA GLU D 24 28.69 -7.73 42.99
C GLU D 24 27.53 -8.65 42.62
N CYS D 25 27.47 -9.83 43.25
CA CYS D 25 26.44 -10.85 43.04
C CYS D 25 25.86 -11.22 44.40
N ARG D 26 24.62 -10.82 44.63
CA ARG D 26 23.98 -11.02 45.93
C ARG D 26 22.78 -11.95 45.85
N SER D 27 22.75 -12.92 46.76
CA SER D 27 21.59 -13.80 46.88
C SER D 27 20.62 -13.17 47.88
N LEU D 28 19.45 -12.73 47.37
CA LEU D 28 18.39 -12.09 48.17
C LEU D 28 17.39 -13.11 48.66
N ASP D 29 17.15 -13.11 49.97
CA ASP D 29 16.20 -13.99 50.68
C ASP D 29 16.68 -15.46 50.72
N PHE D 30 17.96 -15.72 50.40
CA PHE D 30 18.52 -17.07 50.50
C PHE D 30 20.02 -16.99 50.56
N GLN D 31 20.66 -18.07 51.02
CA GLN D 31 22.12 -18.14 51.14
C GLN D 31 22.70 -19.01 50.04
N ALA D 32 23.85 -18.60 49.48
CA ALA D 32 24.53 -19.35 48.44
C ALA D 32 25.97 -19.61 48.85
N THR D 33 26.38 -20.89 48.93
CA THR D 33 27.76 -21.25 49.30
C THR D 33 28.67 -21.13 48.06
N THR D 34 28.04 -21.16 46.89
CA THR D 34 28.68 -21.15 45.59
C THR D 34 28.01 -20.16 44.65
N MET D 35 28.83 -19.47 43.82
CA MET D 35 28.35 -18.55 42.79
C MET D 35 29.24 -18.68 41.55
N PHE D 36 28.61 -18.73 40.37
CA PHE D 36 29.30 -18.86 39.11
C PHE D 36 29.31 -17.54 38.39
N TRP D 37 30.45 -17.20 37.78
CA TRP D 37 30.60 -15.96 37.03
C TRP D 37 30.79 -16.27 35.55
N TYR D 38 29.84 -15.80 34.74
CA TYR D 38 29.86 -15.97 33.30
C TYR D 38 30.17 -14.65 32.59
N ARG D 39 30.75 -14.75 31.38
CA ARG D 39 31.06 -13.63 30.51
C ARG D 39 30.51 -13.92 29.11
N GLN D 40 29.89 -12.92 28.47
CA GLN D 40 29.33 -13.04 27.13
C GLN D 40 29.75 -11.84 26.29
N PHE D 41 30.56 -12.09 25.25
CA PHE D 41 30.95 -11.08 24.27
C PHE D 41 29.81 -11.00 23.22
N PRO D 42 29.62 -9.85 22.51
CA PRO D 42 28.45 -9.71 21.61
C PRO D 42 28.33 -10.83 20.55
N LYS D 43 27.07 -11.32 20.35
CA LYS D 43 26.69 -12.40 19.42
C LYS D 43 27.39 -13.76 19.74
N GLN D 44 28.09 -13.85 20.91
CA GLN D 44 28.80 -15.06 21.34
C GLN D 44 28.05 -15.77 22.46
N SER D 45 28.56 -16.91 22.91
CA SER D 45 27.91 -17.67 23.97
C SER D 45 28.32 -17.14 25.35
N LEU D 46 27.60 -17.57 26.39
CA LEU D 46 27.94 -17.28 27.76
C LEU D 46 29.05 -18.25 28.10
N MET D 47 30.16 -17.76 28.64
CA MET D 47 31.27 -18.65 28.99
C MET D 47 31.58 -18.56 30.47
N LEU D 48 31.70 -19.72 31.14
CA LEU D 48 32.04 -19.69 32.57
C LEU D 48 33.47 -19.17 32.74
N MET D 49 33.65 -18.20 33.64
CA MET D 49 34.96 -17.63 33.94
C MET D 49 35.53 -18.22 35.19
N ALA D 50 34.71 -18.22 36.26
CA ALA D 50 35.18 -18.63 37.56
C ALA D 50 34.05 -19.03 38.48
N THR D 51 34.42 -19.65 39.60
CA THR D 51 33.48 -20.12 40.61
C THR D 51 33.90 -19.56 41.95
N SER D 52 32.97 -18.90 42.62
CA SER D 52 33.14 -18.33 43.96
C SER D 52 32.68 -19.37 44.97
N ASN D 53 33.47 -19.64 46.02
CA ASN D 53 33.13 -20.64 47.04
C ASN D 53 33.26 -20.07 48.46
N GLU D 54 32.25 -20.31 49.34
CA GLU D 54 32.30 -19.88 50.74
C GLU D 54 33.44 -20.58 51.48
N GLY D 55 34.31 -19.81 52.13
CA GLY D 55 35.46 -20.28 52.90
C GLY D 55 36.55 -20.98 52.11
N SER D 56 36.51 -20.90 50.77
CA SER D 56 37.48 -21.56 49.91
C SER D 56 37.96 -20.65 48.78
N LYS D 57 39.13 -20.97 48.20
CA LYS D 57 39.66 -20.26 47.04
C LYS D 57 38.69 -20.39 45.85
N ALA D 58 38.60 -19.32 45.06
CA ALA D 58 37.84 -19.32 43.82
C ALA D 58 38.49 -20.23 42.79
N THR D 59 37.67 -20.94 42.02
CA THR D 59 38.08 -21.83 40.93
C THR D 59 38.08 -20.99 39.65
N TYR D 60 39.13 -21.08 38.83
CA TYR D 60 39.19 -20.32 37.59
C TYR D 60 39.17 -21.26 36.40
N GLU D 61 38.46 -20.86 35.34
CA GLU D 61 38.40 -21.66 34.11
C GLU D 61 39.64 -21.40 33.24
N GLN D 62 39.89 -22.28 32.25
CA GLN D 62 41.06 -22.17 31.35
C GLN D 62 41.02 -20.84 30.57
N GLY D 63 42.15 -20.13 30.57
CA GLY D 63 42.31 -18.83 29.91
C GLY D 63 41.90 -17.62 30.72
N VAL D 64 41.40 -17.84 31.96
CA VAL D 64 40.98 -16.76 32.85
C VAL D 64 42.16 -16.44 33.80
N GLU D 65 42.71 -15.22 33.67
CA GLU D 65 43.83 -14.72 34.45
C GLU D 65 43.39 -14.29 35.86
N LYS D 66 43.86 -15.02 36.88
CA LYS D 66 43.57 -14.82 38.31
C LYS D 66 43.95 -13.41 38.79
N ASP D 67 45.01 -12.83 38.21
CA ASP D 67 45.52 -11.50 38.54
C ASP D 67 44.65 -10.40 37.95
N LYS D 68 44.04 -10.68 36.77
CA LYS D 68 43.18 -9.77 36.01
C LYS D 68 41.76 -9.71 36.61
N PHE D 69 41.24 -10.85 37.10
CA PHE D 69 39.88 -10.97 37.65
C PHE D 69 39.88 -11.59 39.05
N LEU D 70 39.72 -10.75 40.10
CA LEU D 70 39.67 -11.22 41.48
C LEU D 70 38.27 -11.66 41.83
N ILE D 71 38.12 -12.94 42.22
CA ILE D 71 36.83 -13.52 42.63
C ILE D 71 36.86 -13.73 44.13
N ASN D 72 35.83 -13.27 44.84
CA ASN D 72 35.75 -13.39 46.28
C ASN D 72 34.35 -13.71 46.77
N HIS D 73 34.24 -14.66 47.70
CA HIS D 73 32.99 -14.95 48.36
C HIS D 73 33.01 -14.16 49.66
N ALA D 74 32.53 -12.90 49.61
CA ALA D 74 32.57 -11.93 50.73
C ALA D 74 31.71 -12.32 51.96
N SER D 75 30.70 -13.19 51.76
CA SER D 75 29.76 -13.72 52.76
C SER D 75 28.87 -14.81 52.12
N LEU D 76 28.04 -15.56 52.93
CA LEU D 76 27.14 -16.60 52.40
C LEU D 76 26.00 -15.98 51.55
N THR D 77 26.10 -14.68 51.23
CA THR D 77 25.09 -13.94 50.45
C THR D 77 25.73 -13.07 49.37
N LEU D 78 27.09 -12.91 49.40
CA LEU D 78 27.78 -12.02 48.46
C LEU D 78 29.03 -12.63 47.82
N SER D 79 29.11 -12.49 46.48
CA SER D 79 30.28 -12.86 45.69
C SER D 79 30.64 -11.66 44.87
N THR D 80 31.92 -11.34 44.79
CA THR D 80 32.32 -10.18 43.99
C THR D 80 33.36 -10.57 42.95
N LEU D 81 33.31 -9.90 41.81
CA LEU D 81 34.26 -10.04 40.71
C LEU D 81 34.90 -8.67 40.48
N THR D 82 36.24 -8.55 40.61
CA THR D 82 36.94 -7.29 40.41
C THR D 82 37.84 -7.38 39.18
N VAL D 83 37.58 -6.48 38.20
CA VAL D 83 38.36 -6.30 36.98
C VAL D 83 39.44 -5.30 37.41
N THR D 84 40.62 -5.80 37.83
CA THR D 84 41.67 -5.05 38.54
C THR D 84 42.26 -3.79 37.84
N SER D 85 42.56 -3.87 36.53
CA SER D 85 43.12 -2.80 35.70
C SER D 85 42.42 -2.90 34.37
N ALA D 86 41.20 -2.36 34.33
CA ALA D 86 40.29 -2.50 33.21
C ALA D 86 40.92 -2.05 31.86
N HIS D 87 40.68 -2.86 30.79
CA HIS D 87 41.16 -2.65 29.42
C HIS D 87 39.94 -2.65 28.48
N PRO D 88 39.90 -1.89 27.37
CA PRO D 88 38.71 -1.93 26.49
C PRO D 88 38.31 -3.33 26.03
N GLU D 89 39.27 -4.27 25.99
CA GLU D 89 39.07 -5.69 25.63
C GLU D 89 38.21 -6.42 26.68
N ASP D 90 38.14 -5.87 27.92
CA ASP D 90 37.35 -6.43 29.00
C ASP D 90 35.86 -6.10 28.85
N SER D 91 35.51 -5.18 27.93
CA SER D 91 34.12 -4.78 27.70
C SER D 91 33.34 -5.99 27.28
N SER D 92 32.37 -6.38 28.11
CA SER D 92 31.58 -7.57 27.90
C SER D 92 30.35 -7.53 28.81
N PHE D 93 29.55 -8.58 28.76
CA PHE D 93 28.37 -8.76 29.60
C PHE D 93 28.72 -9.82 30.63
N TYR D 94 28.70 -9.46 31.90
CA TYR D 94 29.04 -10.34 33.03
C TYR D 94 27.80 -10.68 33.78
N ILE D 95 27.48 -11.97 33.88
CA ILE D 95 26.28 -12.45 34.53
C ILE D 95 26.64 -13.55 35.51
N CYS D 96 26.11 -13.44 36.72
CA CYS D 96 26.39 -14.40 37.77
C CYS D 96 25.18 -15.32 37.99
N SER D 97 25.39 -16.47 38.61
CA SER D 97 24.31 -17.38 38.95
C SER D 97 24.60 -18.06 40.28
N ALA D 98 23.54 -18.53 40.94
CA ALA D 98 23.66 -19.27 42.19
C ALA D 98 22.74 -20.51 42.11
N PRO D 99 23.15 -21.68 42.64
CA PRO D 99 22.23 -22.85 42.60
C PRO D 99 21.00 -22.68 43.50
N GLY D 100 20.02 -23.56 43.34
CA GLY D 100 18.86 -23.57 44.24
C GLY D 100 17.47 -23.88 43.70
N GLY D 101 17.36 -24.05 42.39
CA GLY D 101 16.10 -24.35 41.72
C GLY D 101 16.25 -25.42 40.67
N VAL D 102 15.29 -25.53 39.74
CA VAL D 102 15.39 -26.50 38.64
C VAL D 102 16.58 -26.09 37.77
N GLY D 103 16.62 -24.80 37.39
CA GLY D 103 17.72 -24.24 36.65
C GLY D 103 18.83 -23.79 37.57
N ALA D 104 18.97 -22.48 37.71
CA ALA D 104 19.91 -21.76 38.58
C ALA D 104 19.40 -20.34 38.71
N PHE D 105 19.68 -19.67 39.82
CA PHE D 105 19.21 -18.29 39.95
C PHE D 105 20.19 -17.39 39.25
N PHE D 106 19.78 -16.75 38.17
CA PHE D 106 20.68 -15.85 37.46
C PHE D 106 20.46 -14.42 37.88
N GLY D 107 21.56 -13.67 37.95
CA GLY D 107 21.50 -12.24 38.14
C GLY D 107 21.06 -11.61 36.82
N GLN D 108 20.72 -10.33 36.82
CA GLN D 108 20.28 -9.62 35.59
C GLN D 108 21.48 -9.25 34.71
N GLY D 109 22.69 -9.48 35.22
CA GLY D 109 23.91 -9.16 34.51
C GLY D 109 24.40 -7.73 34.64
N THR D 110 25.64 -7.50 34.16
CA THR D 110 26.34 -6.21 34.14
C THR D 110 26.90 -5.98 32.76
N ARG D 111 26.51 -4.87 32.14
CA ARG D 111 27.02 -4.46 30.83
C ARG D 111 28.25 -3.59 31.10
N LEU D 112 29.43 -4.20 31.01
CA LEU D 112 30.65 -3.44 31.27
C LEU D 112 31.23 -2.86 29.97
N THR D 113 31.38 -1.54 29.95
CA THR D 113 32.02 -0.83 28.84
C THR D 113 33.30 -0.19 29.38
N VAL D 114 34.46 -0.57 28.82
CA VAL D 114 35.74 -0.01 29.24
C VAL D 114 36.22 0.84 28.08
N VAL D 115 36.56 2.09 28.36
CA VAL D 115 36.99 3.05 27.35
C VAL D 115 38.29 3.69 27.77
N GLU D 116 39.18 4.01 26.81
CA GLU D 116 40.45 4.69 27.07
C GLU D 116 40.20 6.12 27.58
N ASP D 117 39.13 6.76 27.07
CA ASP D 117 38.70 8.11 27.44
C ASP D 117 37.20 8.14 27.37
N LEU D 118 36.57 8.97 28.23
CA LEU D 118 35.11 9.09 28.26
C LEU D 118 34.62 9.78 26.97
N LYS D 119 35.57 10.39 26.19
CA LYS D 119 35.42 11.00 24.86
C LYS D 119 34.89 10.00 23.82
N ASN D 120 35.09 8.67 24.06
CA ASN D 120 34.63 7.58 23.17
C ASN D 120 33.14 7.37 23.23
N VAL D 121 32.47 7.88 24.27
CA VAL D 121 31.01 7.73 24.48
C VAL D 121 30.25 8.75 23.65
N PHE D 122 29.30 8.26 22.84
CA PHE D 122 28.51 9.09 21.95
C PHE D 122 27.04 8.75 22.03
N PRO D 123 26.19 9.78 22.19
CA PRO D 123 24.75 9.50 22.21
C PRO D 123 24.26 9.28 20.76
N PRO D 124 23.05 8.76 20.58
CA PRO D 124 22.55 8.62 19.22
C PRO D 124 22.12 9.95 18.60
N GLU D 125 22.25 10.05 17.27
CA GLU D 125 21.64 11.08 16.46
C GLU D 125 20.35 10.44 16.02
N VAL D 126 19.22 11.13 16.10
CA VAL D 126 17.95 10.47 15.79
C VAL D 126 17.22 11.25 14.75
N ALA D 127 16.78 10.56 13.67
CA ALA D 127 16.05 11.19 12.59
C ALA D 127 14.78 10.43 12.27
N VAL D 128 13.73 11.13 11.87
CA VAL D 128 12.48 10.50 11.43
C VAL D 128 12.30 10.78 9.93
N PHE D 129 11.82 9.78 9.19
CA PHE D 129 11.58 9.84 7.76
C PHE D 129 10.11 9.57 7.54
N GLU D 130 9.45 10.44 6.78
CA GLU D 130 8.01 10.41 6.54
C GLU D 130 7.55 9.34 5.53
N PRO D 131 6.28 8.86 5.67
CA PRO D 131 5.75 7.87 4.73
C PRO D 131 5.86 8.30 3.28
N SER D 132 6.18 7.33 2.43
CA SER D 132 6.32 7.52 1.01
C SER D 132 4.92 7.62 0.43
N GLU D 133 4.71 8.57 -0.50
CA GLU D 133 3.39 8.73 -1.14
C GLU D 133 3.04 7.45 -1.93
N ALA D 134 4.07 6.80 -2.48
CA ALA D 134 3.90 5.55 -3.24
C ALA D 134 3.34 4.44 -2.34
N GLU D 135 3.78 4.36 -1.06
CA GLU D 135 3.26 3.38 -0.11
C GLU D 135 1.77 3.68 0.21
N ILE D 136 1.43 4.95 0.43
CA ILE D 136 0.07 5.34 0.74
C ILE D 136 -0.89 4.94 -0.42
N SER D 137 -0.46 5.24 -1.66
CA SER D 137 -1.25 4.94 -2.86
CA SER D 137 -1.22 4.94 -2.89
C SER D 137 -1.42 3.44 -3.08
N HIS D 138 -0.38 2.66 -2.82
CA HIS D 138 -0.43 1.23 -3.03
C HIS D 138 -1.17 0.46 -1.96
N THR D 139 -1.08 0.89 -0.70
CA THR D 139 -1.58 0.08 0.41
C THR D 139 -2.61 0.75 1.34
N GLN D 140 -2.77 2.07 1.23
CA GLN D 140 -3.62 2.93 2.10
C GLN D 140 -3.05 2.92 3.55
N LYS D 141 -1.75 2.59 3.65
CA LYS D 141 -1.00 2.54 4.92
C LYS D 141 0.19 3.46 4.80
N ALA D 142 0.71 3.90 5.96
CA ALA D 142 1.79 4.85 6.00
C ALA D 142 2.81 4.47 7.07
N THR D 143 4.05 4.21 6.64
CA THR D 143 5.13 3.81 7.54
C THR D 143 6.12 4.94 7.77
N LEU D 144 6.35 5.26 9.06
CA LEU D 144 7.38 6.22 9.43
C LEU D 144 8.61 5.42 9.77
N VAL D 145 9.79 5.97 9.50
CA VAL D 145 11.04 5.27 9.79
C VAL D 145 11.84 6.13 10.76
N CYS D 146 12.34 5.52 11.81
CA CYS D 146 13.22 6.22 12.73
C CYS D 146 14.59 5.61 12.62
N LEU D 147 15.62 6.44 12.56
CA LEU D 147 17.01 5.97 12.53
C LEU D 147 17.78 6.60 13.66
N ALA D 148 18.43 5.76 14.45
CA ALA D 148 19.28 6.20 15.56
C ALA D 148 20.70 5.78 15.18
N THR D 149 21.62 6.73 14.95
CA THR D 149 22.95 6.43 14.42
C THR D 149 24.09 7.06 15.24
N GLY D 150 25.27 6.48 15.08
CA GLY D 150 26.51 6.94 15.66
C GLY D 150 26.61 6.90 17.16
N PHE D 151 25.92 5.94 17.82
CA PHE D 151 26.00 5.85 19.28
C PHE D 151 27.00 4.79 19.73
N TYR D 152 27.55 5.01 20.93
CA TYR D 152 28.51 4.12 21.59
C TYR D 152 28.47 4.37 23.11
N PRO D 153 28.27 3.35 23.97
CA PRO D 153 28.11 1.90 23.69
C PRO D 153 26.79 1.57 22.97
N ASP D 154 26.65 0.30 22.51
CA ASP D 154 25.52 -0.19 21.69
C ASP D 154 24.15 -0.30 22.41
N HIS D 155 24.01 0.26 23.63
CA HIS D 155 22.81 0.13 24.48
C HIS D 155 21.80 1.30 24.36
N VAL D 156 20.71 1.06 23.62
CA VAL D 156 19.63 2.03 23.46
C VAL D 156 18.28 1.33 23.54
N GLU D 157 17.23 2.09 23.89
CA GLU D 157 15.87 1.59 23.91
C GLU D 157 15.05 2.53 23.07
N LEU D 158 14.44 2.03 22.00
CA LEU D 158 13.64 2.85 21.10
C LEU D 158 12.13 2.60 21.32
N SER D 159 11.34 3.69 21.42
CA SER D 159 9.88 3.62 21.59
C SER D 159 9.20 4.68 20.74
N TRP D 160 7.93 4.47 20.36
CA TRP D 160 7.18 5.42 19.56
C TRP D 160 6.07 6.00 20.40
N TRP D 161 5.82 7.30 20.21
CA TRP D 161 4.82 8.05 20.96
C TRP D 161 3.95 8.84 20.02
N VAL D 162 2.65 8.55 20.04
CA VAL D 162 1.64 9.20 19.20
C VAL D 162 0.70 10.01 20.11
N ASN D 163 0.63 11.32 19.85
CA ASN D 163 -0.17 12.28 20.61
C ASN D 163 0.13 12.15 22.11
N GLY D 164 1.42 11.96 22.40
CA GLY D 164 1.92 11.89 23.78
C GLY D 164 1.68 10.60 24.55
N LYS D 165 1.22 9.54 23.87
CA LYS D 165 0.97 8.21 24.45
C LYS D 165 1.82 7.18 23.73
N GLU D 166 2.42 6.27 24.45
CA GLU D 166 3.27 5.24 23.81
C GLU D 166 2.44 4.27 23.00
N VAL D 167 2.92 3.92 21.80
CA VAL D 167 2.18 2.97 20.98
C VAL D 167 3.01 1.72 20.75
N HIS D 168 2.30 0.60 20.49
CA HIS D 168 2.88 -0.72 20.24
C HIS D 168 2.34 -1.27 18.93
N SER D 169 1.07 -1.01 18.61
CA SER D 169 0.55 -1.44 17.30
C SER D 169 1.33 -0.71 16.18
N GLY D 170 1.61 -1.43 15.12
CA GLY D 170 2.34 -0.93 13.96
C GLY D 170 3.82 -0.72 14.16
N VAL D 171 4.38 -1.03 15.34
CA VAL D 171 5.80 -0.83 15.67
C VAL D 171 6.60 -2.10 15.39
N CYS D 172 7.75 -1.94 14.71
CA CYS D 172 8.69 -3.04 14.35
C CYS D 172 10.07 -2.48 14.46
N THR D 173 10.96 -3.13 15.20
CA THR D 173 12.28 -2.59 15.51
C THR D 173 13.37 -3.63 15.18
N ASP D 174 14.56 -3.13 14.77
CA ASP D 174 15.69 -4.02 14.48
C ASP D 174 15.97 -4.95 15.67
N PRO D 175 16.33 -6.23 15.41
CA PRO D 175 16.61 -7.15 16.53
C PRO D 175 17.69 -6.59 17.49
N GLN D 176 18.78 -6.10 16.89
CA GLN D 176 19.93 -5.58 17.59
C GLN D 176 20.50 -4.40 16.84
N PRO D 177 21.32 -3.51 17.48
CA PRO D 177 21.98 -2.45 16.71
C PRO D 177 22.97 -3.04 15.70
N LEU D 178 23.18 -2.30 14.64
CA LEU D 178 24.02 -2.60 13.49
C LEU D 178 25.38 -1.96 13.77
N LYS D 179 26.49 -2.69 13.57
CA LYS D 179 27.82 -2.12 13.73
C LYS D 179 28.05 -1.26 12.48
N GLU D 180 28.22 0.06 12.63
CA GLU D 180 28.40 0.97 11.48
C GLU D 180 29.64 0.62 10.65
N GLN D 181 30.74 0.24 11.30
CA GLN D 181 31.93 -0.19 10.60
C GLN D 181 32.27 -1.58 11.13
N PRO D 182 31.65 -2.67 10.64
CA PRO D 182 31.94 -4.02 11.20
C PRO D 182 33.42 -4.41 11.32
N ALA D 183 34.30 -3.91 10.43
CA ALA D 183 35.74 -4.25 10.45
C ALA D 183 36.54 -3.43 11.50
N LEU D 184 35.94 -2.35 12.06
CA LEU D 184 36.62 -1.49 13.03
C LEU D 184 36.25 -1.86 14.47
N ASN D 185 37.27 -1.98 15.36
CA ASN D 185 37.05 -2.28 16.78
C ASN D 185 36.33 -1.15 17.50
N ASP D 186 36.57 0.11 17.05
CA ASP D 186 35.97 1.30 17.64
C ASP D 186 34.74 1.77 16.84
N SER D 187 34.03 0.83 16.19
CA SER D 187 32.83 1.20 15.46
C SER D 187 31.73 1.69 16.41
N ARG D 188 30.92 2.62 15.89
CA ARG D 188 29.74 3.13 16.57
C ARG D 188 28.57 2.28 16.05
N TYR D 189 27.36 2.50 16.58
CA TYR D 189 26.22 1.67 16.22
C TYR D 189 25.05 2.46 15.67
N ALA D 190 24.12 1.75 15.03
CA ALA D 190 22.89 2.31 14.48
C ALA D 190 21.74 1.36 14.76
N LEU D 191 20.53 1.90 14.82
CA LEU D 191 19.33 1.09 15.05
C LEU D 191 18.18 1.77 14.36
N SER D 192 17.30 0.99 13.77
CA SER D 192 16.15 1.51 13.05
CA SER D 192 16.14 1.51 13.06
C SER D 192 14.87 0.87 13.56
N SER D 193 13.77 1.58 13.36
CA SER D 193 12.47 1.14 13.77
C SER D 193 11.47 1.73 12.80
N ARG D 194 10.34 1.08 12.72
CA ARG D 194 9.23 1.51 11.87
C ARG D 194 7.96 1.59 12.66
N LEU D 195 7.12 2.60 12.36
CA LEU D 195 5.78 2.77 12.89
C LEU D 195 4.83 2.89 11.71
N ARG D 196 3.91 1.94 11.61
CA ARG D 196 2.91 1.94 10.53
C ARG D 196 1.56 2.29 11.08
N VAL D 197 0.93 3.27 10.42
CA VAL D 197 -0.43 3.71 10.74
C VAL D 197 -1.26 3.71 9.46
N SER D 198 -2.57 3.93 9.59
CA SER D 198 -3.39 4.10 8.40
C SER D 198 -2.96 5.41 7.71
N ALA D 199 -3.14 5.50 6.39
CA ALA D 199 -2.88 6.75 5.68
C ALA D 199 -3.82 7.87 6.18
N THR D 200 -5.06 7.51 6.60
CA THR D 200 -6.03 8.51 7.11
C THR D 200 -5.52 9.16 8.41
N PHE D 201 -4.92 8.36 9.28
CA PHE D 201 -4.36 8.88 10.53
C PHE D 201 -3.13 9.76 10.26
N TRP D 202 -2.25 9.31 9.34
CA TRP D 202 -1.05 10.05 8.96
C TRP D 202 -1.42 11.39 8.31
N GLN D 203 -2.47 11.43 7.50
CA GLN D 203 -2.85 12.64 6.77
C GLN D 203 -3.67 13.63 7.61
N ASN D 204 -3.71 13.44 8.93
CA ASN D 204 -4.33 14.38 9.83
C ASN D 204 -3.22 15.29 10.40
N PRO D 205 -3.23 16.59 10.05
CA PRO D 205 -2.22 17.53 10.54
C PRO D 205 -2.18 17.70 12.07
N ARG D 206 -3.25 17.26 12.77
CA ARG D 206 -3.37 17.32 14.23
C ARG D 206 -2.63 16.17 14.91
N ASN D 207 -2.22 15.12 14.16
CA ASN D 207 -1.54 13.99 14.80
C ASN D 207 -0.04 14.24 14.91
N HIS D 208 0.52 13.85 16.05
CA HIS D 208 1.94 14.03 16.43
C HIS D 208 2.61 12.68 16.61
N PHE D 209 3.74 12.48 15.93
CA PHE D 209 4.51 11.21 15.94
C PHE D 209 5.90 11.51 16.44
N ARG D 210 6.35 10.75 17.42
CA ARG D 210 7.70 10.96 17.97
C ARG D 210 8.41 9.64 18.22
N CYS D 211 9.65 9.55 17.74
CA CYS D 211 10.48 8.40 17.99
CA CYS D 211 10.39 8.36 18.07
C CYS D 211 11.40 8.75 19.16
N GLN D 212 11.37 7.98 20.23
CA GLN D 212 12.18 8.26 21.40
C GLN D 212 13.27 7.24 21.53
N VAL D 213 14.49 7.69 21.83
CA VAL D 213 15.62 6.79 21.94
C VAL D 213 16.33 7.04 23.25
N GLN D 214 16.18 6.10 24.20
CA GLN D 214 16.86 6.24 25.49
C GLN D 214 18.25 5.68 25.33
N PHE D 215 19.22 6.42 25.83
CA PHE D 215 20.63 6.07 25.78
C PHE D 215 21.24 6.07 27.15
N TYR D 216 21.99 5.01 27.49
CA TYR D 216 22.69 4.91 28.78
C TYR D 216 24.10 5.36 28.55
N GLY D 217 24.45 6.45 29.22
CA GLY D 217 25.76 7.06 29.05
C GLY D 217 26.48 7.31 30.35
N LEU D 218 27.09 8.49 30.46
CA LEU D 218 27.93 8.84 31.62
C LEU D 218 27.10 9.20 32.83
N SER D 219 27.70 9.03 34.03
CA SER D 219 27.02 9.34 35.27
C SER D 219 27.18 10.83 35.56
N GLU D 220 26.42 11.36 36.52
CA GLU D 220 26.56 12.77 36.91
C GLU D 220 27.96 13.06 37.47
N ASN D 221 28.54 12.10 38.23
CA ASN D 221 29.87 12.18 38.86
C ASN D 221 31.04 12.22 37.86
N ASP D 222 30.88 11.59 36.68
CA ASP D 222 31.90 11.51 35.62
C ASP D 222 32.37 12.89 35.15
N GLU D 223 33.67 12.99 34.81
CA GLU D 223 34.34 14.22 34.32
C GLU D 223 34.07 14.43 32.84
N TRP D 224 33.87 15.70 32.42
CA TRP D 224 33.68 16.05 31.01
C TRP D 224 34.32 17.39 30.69
N THR D 225 35.14 17.40 29.64
CA THR D 225 35.91 18.56 29.22
C THR D 225 35.64 19.01 27.77
N GLN D 226 35.00 18.14 26.95
CA GLN D 226 34.73 18.39 25.53
C GLN D 226 33.67 19.48 25.28
N ASP D 227 33.76 20.14 24.09
CA ASP D 227 32.84 21.20 23.62
C ASP D 227 31.41 20.70 23.46
N ARG D 228 31.24 19.48 22.91
CA ARG D 228 29.92 18.87 22.75
C ARG D 228 29.33 18.57 24.14
N ALA D 229 28.00 18.53 24.26
CA ALA D 229 27.34 18.25 25.53
C ALA D 229 27.73 16.88 26.06
N LYS D 230 27.96 16.80 27.39
CA LYS D 230 28.29 15.58 28.12
C LYS D 230 27.30 14.48 27.77
N PRO D 231 27.79 13.31 27.29
CA PRO D 231 26.88 12.23 26.87
C PRO D 231 26.37 11.40 28.03
N VAL D 232 25.56 12.03 28.91
CA VAL D 232 24.96 11.35 30.06
C VAL D 232 23.81 10.49 29.59
N THR D 233 23.24 9.66 30.47
CA THR D 233 22.02 8.92 30.17
C THR D 233 20.98 9.97 29.82
N GLN D 234 20.28 9.77 28.68
CA GLN D 234 19.35 10.77 28.19
C GLN D 234 18.40 10.17 27.20
N ILE D 235 17.39 10.97 26.83
CA ILE D 235 16.47 10.63 25.75
C ILE D 235 16.75 11.58 24.57
N VAL D 236 16.89 11.00 23.38
CA VAL D 236 17.07 11.71 22.10
C VAL D 236 15.86 11.35 21.24
N SER D 237 15.10 12.35 20.79
CA SER D 237 13.90 12.12 19.99
C SER D 237 13.93 12.80 18.63
N ALA D 238 13.07 12.33 17.73
CA ALA D 238 12.82 12.97 16.44
C ALA D 238 11.32 12.98 16.27
N GLU D 239 10.77 14.00 15.63
CA GLU D 239 9.30 14.07 15.54
C GLU D 239 8.80 14.57 14.24
N ALA D 240 7.52 14.30 13.97
CA ALA D 240 6.83 14.77 12.77
C ALA D 240 5.37 14.94 13.07
N TRP D 241 4.75 15.91 12.41
CA TRP D 241 3.30 16.13 12.45
C TRP D 241 2.70 15.48 11.23
N GLY D 242 1.43 15.07 11.31
CA GLY D 242 0.71 14.52 10.17
C GLY D 242 0.69 15.53 9.03
N ARG D 243 0.54 15.04 7.80
CA ARG D 243 0.64 15.85 6.60
C ARG D 243 -0.58 15.62 5.72
N ALA D 244 -1.44 16.64 5.56
CA ALA D 244 -2.68 16.56 4.79
C ALA D 244 -2.44 16.36 3.29
N ASP D 245 -1.29 16.81 2.74
CA ASP D 245 -0.96 16.65 1.32
C ASP D 245 0.01 15.49 1.13
#